data_7R0O
#
_entry.id   7R0O
#
_cell.length_a   78.773
_cell.length_b   92.147
_cell.length_c   101.761
_cell.angle_alpha   90.000
_cell.angle_beta   90.000
_cell.angle_gamma   90.000
#
_symmetry.space_group_name_H-M   'P 21 21 21'
#
loop_
_entity.id
_entity.type
_entity.pdbx_description
1 polymer AGAP001425-PA
2 non-polymer GLYCEROL
3 non-polymer 'CHLORIDE ION'
4 water water
#
_entity_poly.entity_id   1
_entity_poly.type   'polypeptide(L)'
_entity_poly.pdbx_seq_one_letter_code
;MGHHHHHHHHHHSSGHIEGRHMPFPYSIDFVESKQNEQLLKDFHGERTGFVQVGEKRWFFPSRFKQYAESLYSFEARPDD
TWIVTYPRSGTTWSQEMVWLLCNELDFETAKSIPLTQRFPFLEFHLFVHDEVKAEFLKENEHDVESMKFIEQLSQPAGFM
LAEMKTPRFIKTHLPISLLPPSVFEQKAKIIYVARNPSDVAVSYYHLNRLYRTQGYVGDFETFYNYFEKDLTPWSPYWEH
IKEGWAERDRENVLFMYYEDMKRNLPDTIRKTAAFLGKSFSDDQIDTMCTHLDIRNFRHNKSVTCEELKAVGILNSGEQG
FVRNGQVRGNAEEMTDDIKRRLNEWTERNLNGTDIRFPDC
;
_entity_poly.pdbx_strand_id   A,B
#
loop_
_chem_comp.id
_chem_comp.type
_chem_comp.name
_chem_comp.formula
CL non-polymer 'CHLORIDE ION' 'Cl -1'
GOL non-polymer GLYCEROL 'C3 H8 O3'
#
# COMPACT_ATOMS: atom_id res chain seq x y z
N PRO A 23 -7.13 -33.12 21.88
CA PRO A 23 -6.45 -33.92 20.83
C PRO A 23 -7.04 -33.65 19.43
N PHE A 24 -6.30 -32.97 18.54
CA PHE A 24 -6.81 -32.51 17.21
C PHE A 24 -7.07 -33.74 16.35
N PRO A 25 -8.33 -34.05 15.98
CA PRO A 25 -8.66 -35.34 15.37
C PRO A 25 -8.29 -35.58 13.90
N TYR A 26 -7.85 -34.55 13.15
CA TYR A 26 -7.70 -34.63 11.68
C TYR A 26 -6.23 -34.55 11.29
N SER A 27 -5.89 -35.23 10.20
CA SER A 27 -4.55 -35.17 9.58
C SER A 27 -4.28 -33.73 9.15
N ILE A 28 -3.04 -33.30 9.29
CA ILE A 28 -2.52 -32.02 8.73
C ILE A 28 -1.31 -32.37 7.89
N ASP A 29 -1.40 -32.25 6.58
CA ASP A 29 -0.34 -32.65 5.63
C ASP A 29 0.02 -31.45 4.77
N PHE A 30 1.31 -31.23 4.55
CA PHE A 30 1.82 -30.18 3.63
C PHE A 30 1.31 -30.52 2.23
N VAL A 31 0.96 -29.47 1.49
CA VAL A 31 0.54 -29.58 0.07
C VAL A 31 1.70 -30.24 -0.66
N GLU A 32 1.39 -31.10 -1.63
CA GLU A 32 2.39 -31.79 -2.47
C GLU A 32 3.43 -30.77 -2.97
N SER A 33 4.71 -31.19 -2.99
CA SER A 33 5.95 -30.39 -3.10
C SER A 33 5.88 -29.32 -4.18
N LYS A 34 5.52 -29.74 -5.39
CA LYS A 34 5.57 -28.85 -6.59
C LYS A 34 4.42 -27.83 -6.55
N GLN A 35 3.21 -28.25 -6.17
CA GLN A 35 2.06 -27.33 -6.02
C GLN A 35 2.39 -26.33 -4.91
N ASN A 36 2.99 -26.82 -3.83
CA ASN A 36 3.39 -25.98 -2.66
C ASN A 36 4.42 -24.95 -3.13
N GLU A 37 5.43 -25.36 -3.90
CA GLU A 37 6.43 -24.44 -4.49
C GLU A 37 5.72 -23.37 -5.33
N GLN A 38 4.79 -23.73 -6.21
CA GLN A 38 4.09 -22.74 -7.08
C GLN A 38 3.25 -21.78 -6.20
N LEU A 39 2.61 -22.29 -5.15
CA LEU A 39 1.74 -21.45 -4.28
C LEU A 39 2.62 -20.38 -3.60
N LEU A 40 3.81 -20.76 -3.12
CA LEU A 40 4.78 -19.83 -2.48
C LEU A 40 5.25 -18.76 -3.48
N LYS A 41 5.34 -19.06 -4.78
CA LYS A 41 5.69 -18.05 -5.81
C LYS A 41 4.58 -17.01 -5.92
N ASP A 42 3.32 -17.41 -5.76
CA ASP A 42 2.16 -16.52 -6.03
C ASP A 42 1.61 -15.90 -4.74
N PHE A 43 1.89 -16.48 -3.56
CA PHE A 43 1.35 -16.05 -2.26
C PHE A 43 2.52 -15.69 -1.33
N HIS A 44 2.97 -14.43 -1.39
CA HIS A 44 4.17 -13.93 -0.67
C HIS A 44 3.90 -13.73 0.82
N GLY A 45 2.64 -13.83 1.27
CA GLY A 45 2.29 -13.74 2.70
C GLY A 45 2.68 -14.99 3.49
N GLU A 46 2.99 -16.08 2.81
CA GLU A 46 3.43 -17.35 3.43
C GLU A 46 4.84 -17.66 2.94
N ARG A 47 5.72 -18.16 3.81
CA ARG A 47 7.15 -18.37 3.45
C ARG A 47 7.62 -19.78 3.80
N THR A 48 6.78 -20.65 4.39
CA THR A 48 7.16 -22.05 4.67
C THR A 48 6.37 -22.99 3.76
N GLY A 49 5.04 -22.89 3.76
CA GLY A 49 4.17 -23.68 2.87
C GLY A 49 2.72 -23.75 3.33
N PHE A 50 1.94 -24.58 2.66
CA PHE A 50 0.47 -24.70 2.87
C PHE A 50 0.14 -26.14 3.24
N VAL A 51 -0.93 -26.30 4.02
CA VAL A 51 -1.36 -27.61 4.57
C VAL A 51 -2.81 -27.85 4.14
N GLN A 52 -3.15 -29.13 4.02
CA GLN A 52 -4.52 -29.64 3.81
C GLN A 52 -4.92 -30.50 5.01
N VAL A 53 -6.13 -30.26 5.52
CA VAL A 53 -6.60 -30.80 6.82
C VAL A 53 -7.71 -31.82 6.56
N GLY A 54 -7.46 -33.06 6.99
CA GLY A 54 -8.47 -34.14 7.00
C GLY A 54 -8.91 -34.53 5.60
N GLU A 55 -9.99 -35.28 5.50
CA GLU A 55 -10.48 -35.92 4.26
C GLU A 55 -10.91 -34.83 3.26
N LYS A 56 -11.47 -33.73 3.75
CA LYS A 56 -11.98 -32.63 2.87
C LYS A 56 -10.85 -31.70 2.44
N ARG A 57 -9.65 -31.84 3.01
CA ARG A 57 -8.44 -31.10 2.54
C ARG A 57 -8.64 -29.59 2.70
N TRP A 58 -9.15 -29.18 3.86
CA TRP A 58 -9.25 -27.75 4.22
C TRP A 58 -7.86 -27.15 4.12
N PHE A 59 -7.77 -26.04 3.39
CA PHE A 59 -6.49 -25.41 2.99
C PHE A 59 -6.12 -24.28 3.96
N PHE A 60 -4.90 -24.28 4.45
CA PHE A 60 -4.38 -23.23 5.37
C PHE A 60 -2.90 -22.99 5.15
N PRO A 61 -2.37 -21.83 5.57
CA PRO A 61 -0.91 -21.69 5.61
C PRO A 61 -0.33 -22.46 6.81
N SER A 62 1.00 -22.57 6.84
CA SER A 62 1.76 -23.52 7.67
C SER A 62 1.41 -23.38 9.15
N ARG A 63 1.10 -22.20 9.63
CA ARG A 63 0.89 -21.97 11.08
C ARG A 63 -0.34 -22.73 11.57
N PHE A 64 -1.24 -23.17 10.70
CA PHE A 64 -2.39 -23.98 11.14
C PHE A 64 -1.84 -25.18 11.92
N LYS A 65 -0.80 -25.81 11.39
CA LYS A 65 -0.14 -26.98 12.03
C LYS A 65 0.32 -26.61 13.44
N GLN A 66 0.82 -25.41 13.66
CA GLN A 66 1.34 -24.95 14.97
C GLN A 66 0.15 -24.71 15.91
N TYR A 67 -0.97 -24.19 15.42
CA TYR A 67 -2.05 -23.71 16.31
C TYR A 67 -3.30 -24.60 16.26
N ALA A 68 -3.31 -25.67 15.47
CA ALA A 68 -4.51 -26.54 15.31
C ALA A 68 -5.09 -26.94 16.68
N GLU A 69 -4.25 -27.40 17.61
CA GLU A 69 -4.74 -27.93 18.92
C GLU A 69 -5.39 -26.81 19.74
N SER A 70 -4.74 -25.65 19.83
CA SER A 70 -5.21 -24.51 20.67
C SER A 70 -6.47 -23.91 20.03
N LEU A 71 -6.61 -23.96 18.71
CA LEU A 71 -7.82 -23.44 18.02
C LEU A 71 -8.99 -24.37 18.37
N TYR A 72 -8.79 -25.67 18.18
CA TYR A 72 -9.82 -26.71 18.36
C TYR A 72 -10.26 -26.80 19.82
N SER A 73 -9.35 -26.63 20.78
CA SER A 73 -9.70 -26.75 22.21
C SER A 73 -10.11 -25.37 22.79
N PHE A 74 -10.23 -24.32 21.97
CA PHE A 74 -10.84 -23.03 22.41
C PHE A 74 -12.21 -23.31 23.05
N GLU A 75 -12.50 -22.69 24.20
CA GLU A 75 -13.73 -22.93 24.99
C GLU A 75 -14.75 -21.85 24.69
N ALA A 76 -15.78 -22.20 23.93
CA ALA A 76 -16.96 -21.37 23.65
C ALA A 76 -17.78 -21.22 24.93
N ARG A 77 -18.59 -20.20 24.98
CA ARG A 77 -19.55 -19.98 26.08
C ARG A 77 -20.96 -19.95 25.51
N PRO A 78 -21.97 -20.37 26.31
CA PRO A 78 -23.35 -20.41 25.83
C PRO A 78 -23.87 -19.03 25.41
N ASP A 79 -23.29 -17.92 25.89
CA ASP A 79 -23.76 -16.57 25.49
C ASP A 79 -22.83 -15.93 24.43
N ASP A 80 -21.93 -16.69 23.81
CA ASP A 80 -21.11 -16.19 22.67
C ASP A 80 -22.01 -15.98 21.47
N THR A 81 -21.71 -14.99 20.62
CA THR A 81 -22.32 -14.90 19.27
C THR A 81 -21.17 -15.11 18.26
N TRP A 82 -21.26 -16.18 17.46
CA TRP A 82 -20.27 -16.54 16.41
C TRP A 82 -20.83 -16.17 15.04
N ILE A 83 -20.02 -15.50 14.22
CA ILE A 83 -20.34 -15.39 12.77
C ILE A 83 -19.35 -16.26 12.03
N VAL A 84 -19.88 -17.19 11.25
CA VAL A 84 -19.10 -18.19 10.48
C VAL A 84 -19.43 -17.98 9.00
N THR A 85 -18.43 -17.65 8.20
CA THR A 85 -18.60 -17.43 6.73
C THR A 85 -17.38 -17.93 5.97
N TYR A 86 -17.57 -18.27 4.71
CA TYR A 86 -16.42 -18.27 3.78
C TYR A 86 -15.98 -16.82 3.67
N PRO A 87 -14.68 -16.51 3.46
CA PRO A 87 -14.27 -15.12 3.29
C PRO A 87 -15.05 -14.35 2.21
N ARG A 88 -15.25 -13.05 2.48
CA ARG A 88 -15.93 -12.06 1.60
C ARG A 88 -17.34 -12.54 1.26
N SER A 89 -18.03 -13.05 2.26
CA SER A 89 -19.43 -13.53 2.19
C SER A 89 -20.29 -12.68 3.15
N GLY A 90 -19.96 -11.40 3.30
CA GLY A 90 -20.79 -10.40 3.99
C GLY A 90 -20.45 -10.32 5.46
N THR A 91 -19.23 -10.71 5.81
CA THR A 91 -18.77 -10.92 7.19
C THR A 91 -18.78 -9.59 7.97
N THR A 92 -18.13 -8.55 7.44
CA THR A 92 -17.93 -7.25 8.14
C THR A 92 -19.29 -6.57 8.38
N TRP A 93 -20.12 -6.55 7.33
CA TRP A 93 -21.46 -5.93 7.39
C TRP A 93 -22.30 -6.66 8.43
N SER A 94 -22.28 -8.01 8.42
CA SER A 94 -23.03 -8.85 9.40
C SER A 94 -22.55 -8.59 10.82
N GLN A 95 -21.23 -8.44 11.00
CA GLN A 95 -20.61 -8.27 12.34
C GLN A 95 -21.11 -6.96 12.89
N GLU A 96 -21.13 -5.94 12.05
CA GLU A 96 -21.57 -4.58 12.46
C GLU A 96 -23.04 -4.68 12.84
N MET A 97 -23.87 -5.28 11.99
CA MET A 97 -25.32 -5.46 12.29
C MET A 97 -25.48 -6.21 13.63
N VAL A 98 -24.80 -7.34 13.80
CA VAL A 98 -24.99 -8.24 14.98
C VAL A 98 -24.50 -7.53 16.27
N TRP A 99 -23.35 -6.88 16.23
CA TRP A 99 -22.76 -6.23 17.43
C TRP A 99 -23.78 -5.21 17.94
N LEU A 100 -24.30 -4.37 17.04
CA LEU A 100 -25.29 -3.33 17.39
C LEU A 100 -26.58 -3.99 17.96
N LEU A 101 -27.14 -5.02 17.34
CA LEU A 101 -28.39 -5.67 17.84
C LEU A 101 -28.15 -6.22 19.25
N CYS A 102 -26.93 -6.62 19.61
CA CYS A 102 -26.67 -7.30 20.89
C CYS A 102 -26.16 -6.30 21.94
N ASN A 103 -26.11 -5.00 21.60
CA ASN A 103 -25.50 -3.96 22.47
C ASN A 103 -26.41 -2.72 22.44
N GLU A 104 -27.72 -2.93 22.40
CA GLU A 104 -28.78 -1.87 22.47
C GLU A 104 -28.50 -0.75 21.47
N LEU A 105 -28.06 -1.09 20.25
CA LEU A 105 -27.89 -0.15 19.12
C LEU A 105 -26.97 0.99 19.58
N ASP A 106 -25.91 0.66 20.31
CA ASP A 106 -24.96 1.68 20.84
C ASP A 106 -24.01 2.12 19.71
N PHE A 107 -24.50 3.00 18.83
CA PHE A 107 -23.78 3.55 17.66
C PHE A 107 -22.49 4.23 18.12
N GLU A 108 -22.56 4.91 19.26
CA GLU A 108 -21.41 5.72 19.77
C GLU A 108 -20.26 4.78 20.13
N THR A 109 -20.52 3.70 20.87
CA THR A 109 -19.47 2.72 21.20
C THR A 109 -19.00 2.03 19.92
N ALA A 110 -19.90 1.62 19.02
CA ALA A 110 -19.50 0.95 17.75
C ALA A 110 -18.52 1.83 16.97
N LYS A 111 -18.73 3.14 16.97
CA LYS A 111 -17.90 4.12 16.20
C LYS A 111 -16.51 4.25 16.85
N SER A 112 -16.44 4.26 18.18
CA SER A 112 -15.21 4.65 18.93
C SER A 112 -14.27 3.45 19.10
N ILE A 113 -14.79 2.22 19.10
CA ILE A 113 -13.96 1.01 19.28
C ILE A 113 -13.94 0.28 17.94
N PRO A 114 -12.74 -0.04 17.40
CA PRO A 114 -12.67 -0.80 16.15
C PRO A 114 -13.39 -2.15 16.25
N LEU A 115 -14.04 -2.52 15.15
CA LEU A 115 -14.77 -3.81 15.00
C LEU A 115 -13.84 -4.99 15.33
N THR A 116 -12.55 -4.91 14.97
CA THR A 116 -11.59 -6.01 15.22
C THR A 116 -11.38 -6.19 16.73
N GLN A 117 -11.60 -5.16 17.55
CA GLN A 117 -11.55 -5.30 19.03
C GLN A 117 -12.93 -5.73 19.55
N ARG A 118 -14.01 -5.19 19.00
CA ARG A 118 -15.38 -5.52 19.48
C ARG A 118 -15.75 -6.95 19.07
N PHE A 119 -15.17 -7.44 17.97
CA PHE A 119 -15.63 -8.68 17.27
C PHE A 119 -14.42 -9.45 16.78
N PRO A 120 -13.55 -9.97 17.69
CA PRO A 120 -12.24 -10.47 17.27
C PRO A 120 -12.32 -11.69 16.33
N PHE A 121 -11.28 -11.82 15.52
CA PHE A 121 -11.14 -12.82 14.43
C PHE A 121 -10.30 -13.95 14.99
N LEU A 122 -10.95 -15.06 15.33
CA LEU A 122 -10.33 -16.18 16.09
C LEU A 122 -8.98 -16.60 15.48
N GLU A 123 -8.90 -16.83 14.17
CA GLU A 123 -7.74 -17.52 13.57
C GLU A 123 -6.89 -16.55 12.71
N PHE A 124 -6.99 -15.22 12.89
CA PHE A 124 -6.20 -14.28 12.06
C PHE A 124 -4.70 -14.57 12.21
N HIS A 125 -4.25 -14.89 13.41
CA HIS A 125 -2.83 -15.12 13.77
C HIS A 125 -2.20 -16.21 12.89
N LEU A 126 -2.98 -17.11 12.29
CA LEU A 126 -2.46 -18.12 11.34
C LEU A 126 -1.75 -17.44 10.17
N PHE A 127 -2.13 -16.21 9.83
CA PHE A 127 -1.76 -15.58 8.54
C PHE A 127 -0.66 -14.55 8.75
N VAL A 128 -0.07 -14.53 9.93
CA VAL A 128 1.12 -13.68 10.22
C VAL A 128 2.36 -14.57 10.38
N HIS A 129 3.04 -14.77 9.25
CA HIS A 129 4.26 -15.60 9.18
C HIS A 129 5.42 -14.83 9.82
N ASP A 130 6.30 -15.50 10.57
CA ASP A 130 7.40 -14.83 11.32
C ASP A 130 8.25 -13.99 10.34
N GLU A 131 8.55 -14.51 9.16
CA GLU A 131 9.44 -13.80 8.21
C GLU A 131 8.72 -12.56 7.62
N VAL A 132 7.39 -12.62 7.42
CA VAL A 132 6.61 -11.46 6.91
C VAL A 132 6.46 -10.46 8.07
N LYS A 133 6.21 -10.96 9.29
CA LYS A 133 6.09 -10.07 10.47
C LYS A 133 7.36 -9.20 10.57
N ALA A 134 8.54 -9.79 10.32
CA ALA A 134 9.85 -9.10 10.42
C ALA A 134 9.91 -7.90 9.44
N GLU A 135 9.40 -8.08 8.22
CA GLU A 135 9.24 -7.00 7.21
C GLU A 135 8.33 -5.89 7.79
N PHE A 136 7.16 -6.25 8.33
CA PHE A 136 6.23 -5.26 8.90
C PHE A 136 6.93 -4.47 10.00
N LEU A 137 7.70 -5.14 10.85
CA LEU A 137 8.38 -4.51 12.00
C LEU A 137 9.46 -3.57 11.45
N LYS A 138 10.24 -4.02 10.47
CA LYS A 138 11.28 -3.15 9.85
C LYS A 138 10.60 -1.86 9.36
N GLU A 139 9.45 -1.97 8.70
CA GLU A 139 8.77 -0.81 8.06
C GLU A 139 8.17 0.09 9.13
N ASN A 140 8.06 -0.40 10.37
CA ASN A 140 7.45 0.39 11.47
C ASN A 140 8.46 0.50 12.62
N GLU A 141 9.75 0.32 12.38
CA GLU A 141 10.77 0.16 13.45
C GLU A 141 10.88 1.42 14.33
N HIS A 142 10.45 2.59 13.88
CA HIS A 142 10.60 3.85 14.67
C HIS A 142 9.38 4.15 15.53
N ASP A 143 8.36 3.28 15.58
CA ASP A 143 7.13 3.51 16.38
C ASP A 143 6.84 2.28 17.23
N VAL A 144 7.18 2.35 18.53
CA VAL A 144 7.01 1.23 19.50
C VAL A 144 5.56 0.75 19.52
N GLU A 145 4.58 1.65 19.41
CA GLU A 145 3.14 1.27 19.53
C GLU A 145 2.76 0.45 18.29
N SER A 146 3.18 0.88 17.10
CA SER A 146 2.98 0.11 15.86
C SER A 146 3.56 -1.30 16.01
N MET A 147 4.75 -1.40 16.61
CA MET A 147 5.48 -2.68 16.71
C MET A 147 4.75 -3.61 17.68
N LYS A 148 4.23 -3.10 18.81
CA LYS A 148 3.41 -3.88 19.77
C LYS A 148 2.15 -4.40 19.06
N PHE A 149 1.47 -3.52 18.31
CA PHE A 149 0.26 -3.87 17.53
C PHE A 149 0.57 -5.05 16.61
N ILE A 150 1.66 -4.97 15.86
CA ILE A 150 2.04 -6.02 14.87
C ILE A 150 2.28 -7.33 15.61
N GLU A 151 3.03 -7.29 16.73
CA GLU A 151 3.35 -8.49 17.56
C GLU A 151 2.04 -9.14 18.03
N GLN A 152 1.08 -8.34 18.49
CA GLN A 152 -0.26 -8.81 18.98
C GLN A 152 -1.03 -9.51 17.85
N LEU A 153 -0.92 -9.03 16.61
CA LEU A 153 -1.58 -9.68 15.46
C LEU A 153 -1.18 -11.15 15.39
N SER A 154 0.08 -11.47 15.73
CA SER A 154 0.63 -12.83 15.64
C SER A 154 0.21 -13.69 16.84
N GLN A 155 -0.41 -13.11 17.87
CA GLN A 155 -0.89 -13.86 19.07
C GLN A 155 -2.34 -14.29 18.88
N PRO A 156 -2.73 -15.49 19.34
CA PRO A 156 -4.13 -15.91 19.29
C PRO A 156 -5.10 -14.93 19.98
N ALA A 157 -6.14 -14.49 19.27
CA ALA A 157 -7.26 -13.72 19.85
C ALA A 157 -7.86 -14.50 21.06
N GLY A 158 -7.77 -15.82 21.03
CA GLY A 158 -8.32 -16.71 22.09
C GLY A 158 -7.89 -16.33 23.49
N PHE A 159 -6.64 -15.88 23.67
CA PHE A 159 -6.09 -15.48 25.00
C PHE A 159 -6.94 -14.31 25.54
N MET A 160 -7.11 -13.22 24.80
CA MET A 160 -7.89 -12.06 25.28
C MET A 160 -9.38 -12.44 25.36
N LEU A 161 -9.87 -13.30 24.46
CA LEU A 161 -11.29 -13.75 24.50
C LEU A 161 -11.56 -14.51 25.81
N ALA A 162 -10.68 -15.43 26.19
CA ALA A 162 -10.76 -16.22 27.44
C ALA A 162 -10.82 -15.29 28.65
N GLU A 163 -10.18 -14.12 28.60
CA GLU A 163 -10.13 -13.17 29.74
C GLU A 163 -11.42 -12.35 29.84
N MET A 164 -12.27 -12.31 28.82
CA MET A 164 -13.47 -11.44 28.83
C MET A 164 -14.44 -11.98 29.88
N LYS A 165 -15.14 -11.08 30.56
CA LYS A 165 -16.14 -11.43 31.59
C LYS A 165 -17.50 -10.95 31.11
N THR A 166 -17.60 -10.46 29.87
CA THR A 166 -18.87 -10.01 29.25
C THR A 166 -19.15 -10.89 28.04
N PRO A 167 -20.38 -10.86 27.47
CA PRO A 167 -20.69 -11.66 26.28
C PRO A 167 -19.75 -11.34 25.11
N ARG A 168 -19.33 -12.38 24.40
CA ARG A 168 -18.26 -12.32 23.38
C ARG A 168 -18.87 -12.37 21.98
N PHE A 169 -18.17 -11.77 21.03
CA PHE A 169 -18.56 -11.70 19.60
C PHE A 169 -17.36 -12.22 18.84
N ILE A 170 -17.49 -13.39 18.21
CA ILE A 170 -16.33 -14.07 17.59
C ILE A 170 -16.61 -14.25 16.10
N LYS A 171 -15.68 -13.76 15.26
CA LYS A 171 -15.68 -13.98 13.79
C LYS A 171 -14.76 -15.15 13.50
N THR A 172 -15.17 -16.03 12.59
CA THR A 172 -14.28 -17.11 12.07
C THR A 172 -14.69 -17.42 10.63
N HIS A 173 -13.73 -17.87 9.84
CA HIS A 173 -14.00 -18.53 8.53
C HIS A 173 -13.80 -20.05 8.66
N LEU A 174 -13.50 -20.56 9.84
CA LEU A 174 -13.36 -22.03 10.03
C LEU A 174 -14.70 -22.68 9.65
N PRO A 175 -14.69 -23.75 8.83
CA PRO A 175 -15.92 -24.45 8.52
C PRO A 175 -16.47 -25.16 9.77
N ILE A 176 -17.73 -25.56 9.72
CA ILE A 176 -18.44 -26.24 10.84
C ILE A 176 -17.53 -27.34 11.39
N SER A 177 -16.97 -28.19 10.55
CA SER A 177 -16.24 -29.40 10.97
C SER A 177 -14.90 -29.03 11.65
N LEU A 178 -14.43 -27.78 11.56
CA LEU A 178 -13.17 -27.35 12.23
C LEU A 178 -13.44 -26.36 13.37
N LEU A 179 -14.70 -26.02 13.65
CA LEU A 179 -15.05 -25.17 14.80
C LEU A 179 -14.62 -25.89 16.07
N PRO A 180 -14.24 -25.18 17.16
CA PRO A 180 -14.14 -25.84 18.46
C PRO A 180 -15.45 -26.59 18.76
N PRO A 181 -15.40 -27.89 19.09
CA PRO A 181 -16.61 -28.63 19.44
C PRO A 181 -17.41 -27.94 20.56
N SER A 182 -16.78 -27.15 21.41
CA SER A 182 -17.42 -26.40 22.51
C SER A 182 -18.50 -25.44 21.95
N VAL A 183 -18.41 -25.00 20.69
CA VAL A 183 -19.45 -24.08 20.12
C VAL A 183 -20.82 -24.78 20.11
N PHE A 184 -20.94 -25.96 19.50
CA PHE A 184 -22.22 -26.75 19.47
C PHE A 184 -22.54 -27.34 20.85
N GLU A 185 -21.55 -27.81 21.60
CA GLU A 185 -21.76 -28.32 22.98
C GLU A 185 -22.46 -27.28 23.84
N GLN A 186 -22.10 -26.00 23.72
CA GLN A 186 -22.61 -24.90 24.59
C GLN A 186 -23.84 -24.29 23.92
N LYS A 187 -24.18 -24.75 22.72
CA LYS A 187 -25.25 -24.16 21.86
C LYS A 187 -25.08 -22.64 21.73
N ALA A 188 -23.86 -22.17 21.55
CA ALA A 188 -23.57 -20.77 21.19
C ALA A 188 -24.32 -20.46 19.89
N LYS A 189 -24.85 -19.25 19.78
CA LYS A 189 -25.59 -18.85 18.57
C LYS A 189 -24.59 -18.62 17.45
N ILE A 190 -24.89 -19.19 16.27
CA ILE A 190 -24.06 -19.09 15.04
C ILE A 190 -24.88 -18.40 13.95
N ILE A 191 -24.33 -17.36 13.34
CA ILE A 191 -24.90 -16.83 12.07
C ILE A 191 -23.97 -17.28 10.94
N TYR A 192 -24.49 -18.09 10.03
CA TYR A 192 -23.79 -18.58 8.82
C TYR A 192 -24.31 -17.81 7.61
N VAL A 193 -23.41 -17.14 6.89
CA VAL A 193 -23.76 -16.41 5.66
C VAL A 193 -23.07 -17.07 4.47
N ALA A 194 -23.87 -17.38 3.46
CA ALA A 194 -23.44 -17.97 2.18
C ALA A 194 -23.54 -16.89 1.12
N ARG A 195 -22.57 -16.82 0.22
CA ARG A 195 -22.59 -15.87 -0.92
C ARG A 195 -22.23 -16.63 -2.19
N ASN A 196 -22.87 -16.25 -3.30
CA ASN A 196 -22.72 -16.92 -4.63
C ASN A 196 -21.24 -16.92 -5.02
N PRO A 197 -20.75 -18.00 -5.66
CA PRO A 197 -19.32 -18.14 -5.94
C PRO A 197 -18.74 -17.10 -6.91
N SER A 198 -19.53 -16.52 -7.82
CA SER A 198 -19.04 -15.47 -8.76
C SER A 198 -18.57 -14.23 -7.98
N ASP A 199 -19.41 -13.76 -7.09
CA ASP A 199 -19.12 -12.55 -6.29
C ASP A 199 -18.03 -12.87 -5.27
N VAL A 200 -18.04 -14.08 -4.69
CA VAL A 200 -16.97 -14.50 -3.73
C VAL A 200 -15.62 -14.53 -4.46
N ALA A 201 -15.53 -15.17 -5.61
CA ALA A 201 -14.28 -15.30 -6.39
C ALA A 201 -13.65 -13.92 -6.57
N VAL A 202 -14.44 -12.95 -7.04
CA VAL A 202 -13.90 -11.61 -7.40
C VAL A 202 -13.52 -10.86 -6.10
N SER A 203 -14.37 -10.89 -5.09
CA SER A 203 -14.11 -10.19 -3.81
C SER A 203 -12.90 -10.81 -3.09
N TYR A 204 -12.83 -12.15 -3.08
CA TYR A 204 -11.75 -12.87 -2.38
C TYR A 204 -10.42 -12.62 -3.11
N TYR A 205 -10.44 -12.58 -4.45
CA TYR A 205 -9.28 -12.11 -5.27
C TYR A 205 -8.78 -10.75 -4.76
N HIS A 206 -9.68 -9.78 -4.61
CA HIS A 206 -9.33 -8.41 -4.12
C HIS A 206 -8.82 -8.50 -2.68
N LEU A 207 -9.45 -9.33 -1.83
CA LEU A 207 -8.95 -9.52 -0.43
C LEU A 207 -7.48 -9.98 -0.48
N ASN A 208 -7.16 -10.90 -1.38
CA ASN A 208 -5.82 -11.52 -1.45
C ASN A 208 -4.78 -10.47 -1.89
N ARG A 209 -5.20 -9.49 -2.68
CA ARG A 209 -4.33 -8.38 -3.13
C ARG A 209 -4.25 -7.31 -2.04
N LEU A 210 -5.32 -7.08 -1.27
CA LEU A 210 -5.39 -6.01 -0.24
C LEU A 210 -4.55 -6.38 0.99
N TYR A 211 -4.59 -7.63 1.43
CA TYR A 211 -3.92 -8.07 2.67
C TYR A 211 -2.51 -8.58 2.34
N ARG A 212 -1.48 -7.92 2.85
CA ARG A 212 -0.09 -8.37 2.62
C ARG A 212 0.19 -9.67 3.38
N THR A 213 -0.63 -10.02 4.38
CA THR A 213 -0.63 -11.35 5.06
C THR A 213 -0.97 -12.46 4.06
N GLN A 214 -1.71 -12.15 3.00
CA GLN A 214 -1.96 -13.07 1.86
C GLN A 214 -0.84 -12.87 0.85
N GLY A 215 -0.62 -11.63 0.40
CA GLY A 215 0.50 -11.24 -0.48
C GLY A 215 0.37 -11.83 -1.88
N TYR A 216 -0.86 -11.94 -2.40
CA TYR A 216 -1.11 -12.46 -3.77
C TYR A 216 -0.75 -11.39 -4.81
N VAL A 217 0.01 -11.75 -5.82
CA VAL A 217 0.64 -10.81 -6.81
C VAL A 217 -0.04 -10.93 -8.20
N GLY A 218 -0.73 -12.03 -8.48
CA GLY A 218 -1.17 -12.37 -9.85
C GLY A 218 -2.46 -11.70 -10.28
N ASP A 219 -3.03 -12.17 -11.37
CA ASP A 219 -4.27 -11.61 -11.95
C ASP A 219 -5.47 -12.43 -11.49
N PHE A 220 -6.68 -12.03 -11.89
CA PHE A 220 -7.92 -12.67 -11.44
C PHE A 220 -7.98 -14.12 -11.95
N GLU A 221 -7.67 -14.35 -13.22
CA GLU A 221 -7.77 -15.69 -13.83
C GLU A 221 -6.88 -16.69 -13.07
N THR A 222 -5.64 -16.32 -12.72
CA THR A 222 -4.74 -17.24 -11.98
C THR A 222 -5.35 -17.51 -10.61
N PHE A 223 -5.97 -16.50 -10.01
CA PHE A 223 -6.57 -16.65 -8.66
C PHE A 223 -7.76 -17.62 -8.76
N TYR A 224 -8.64 -17.39 -9.73
CA TYR A 224 -9.82 -18.26 -9.96
C TYR A 224 -9.35 -19.71 -10.09
N ASN A 225 -8.21 -19.94 -10.75
CA ASN A 225 -7.69 -21.32 -10.99
C ASN A 225 -7.39 -21.98 -9.64
N TYR A 226 -6.77 -21.22 -8.73
CA TYR A 226 -6.45 -21.67 -7.36
C TYR A 226 -7.74 -21.95 -6.60
N PHE A 227 -8.66 -20.99 -6.64
CA PHE A 227 -9.97 -21.03 -5.93
C PHE A 227 -10.77 -22.26 -6.39
N GLU A 228 -10.84 -22.50 -7.70
CA GLU A 228 -11.62 -23.64 -8.26
C GLU A 228 -10.97 -24.96 -7.82
N LYS A 229 -9.67 -24.97 -7.55
CA LYS A 229 -8.93 -26.20 -7.11
C LYS A 229 -8.92 -26.31 -5.59
N ASP A 230 -9.58 -25.40 -4.88
CA ASP A 230 -9.63 -25.46 -3.41
C ASP A 230 -8.21 -25.27 -2.83
N LEU A 231 -7.38 -24.45 -3.49
CA LEU A 231 -6.00 -24.10 -3.05
C LEU A 231 -5.98 -22.63 -2.60
N THR A 232 -7.05 -22.19 -1.92
CA THR A 232 -7.13 -20.88 -1.24
C THR A 232 -7.58 -21.12 0.19
N PRO A 233 -7.17 -20.28 1.15
CA PRO A 233 -7.54 -20.53 2.54
C PRO A 233 -9.05 -20.69 2.75
N TRP A 234 -9.36 -21.68 3.60
CA TRP A 234 -10.71 -22.06 4.10
C TRP A 234 -11.49 -22.80 3.01
N SER A 235 -10.91 -23.01 1.82
CA SER A 235 -11.50 -23.93 0.80
C SER A 235 -11.36 -25.36 1.34
N PRO A 236 -12.14 -26.36 0.86
CA PRO A 236 -13.11 -26.20 -0.22
C PRO A 236 -14.34 -25.32 0.07
N TYR A 237 -14.54 -24.31 -0.78
CA TYR A 237 -15.71 -23.42 -0.77
C TYR A 237 -17.01 -24.24 -0.69
N TRP A 238 -17.21 -25.21 -1.60
CA TRP A 238 -18.51 -25.90 -1.68
C TRP A 238 -18.75 -26.72 -0.40
N GLU A 239 -17.71 -27.30 0.18
CA GLU A 239 -17.87 -28.08 1.44
C GLU A 239 -18.24 -27.11 2.57
N HIS A 240 -17.68 -25.90 2.57
CA HIS A 240 -17.98 -24.84 3.56
C HIS A 240 -19.50 -24.56 3.54
N ILE A 241 -20.03 -24.27 2.36
CA ILE A 241 -21.46 -23.95 2.13
C ILE A 241 -22.32 -25.14 2.55
N LYS A 242 -22.02 -26.34 2.08
CA LYS A 242 -22.85 -27.55 2.39
C LYS A 242 -22.87 -27.84 3.89
N GLU A 243 -21.76 -27.66 4.60
CA GLU A 243 -21.73 -27.86 6.07
C GLU A 243 -22.65 -26.86 6.76
N GLY A 244 -22.58 -25.57 6.37
CA GLY A 244 -23.47 -24.49 6.87
C GLY A 244 -24.94 -24.85 6.60
N TRP A 245 -25.25 -25.28 5.38
CA TRP A 245 -26.63 -25.69 4.99
C TRP A 245 -27.09 -26.88 5.85
N ALA A 246 -26.20 -27.84 6.12
CA ALA A 246 -26.51 -29.07 6.89
C ALA A 246 -26.71 -28.77 8.39
N GLU A 247 -26.48 -27.54 8.85
CA GLU A 247 -26.74 -27.22 10.28
C GLU A 247 -27.87 -26.19 10.45
N ARG A 248 -28.43 -25.64 9.37
CA ARG A 248 -29.33 -24.43 9.47
C ARG A 248 -30.60 -24.70 10.30
N ASP A 249 -31.01 -25.96 10.42
CA ASP A 249 -32.22 -26.41 11.19
C ASP A 249 -31.95 -26.38 12.70
N ARG A 250 -30.70 -26.31 13.14
CA ARG A 250 -30.44 -26.28 14.60
C ARG A 250 -31.00 -24.97 15.15
N GLU A 251 -31.40 -24.97 16.42
CA GLU A 251 -32.08 -23.82 17.05
C GLU A 251 -31.08 -22.67 17.24
N ASN A 252 -29.78 -22.98 17.34
CA ASN A 252 -28.68 -22.00 17.58
C ASN A 252 -27.95 -21.68 16.27
N VAL A 253 -28.48 -22.04 15.09
CA VAL A 253 -27.89 -21.64 13.78
C VAL A 253 -28.89 -20.83 12.95
N LEU A 254 -28.48 -19.66 12.45
CA LEU A 254 -29.25 -18.88 11.46
C LEU A 254 -28.45 -18.82 10.18
N PHE A 255 -28.94 -19.46 9.12
CA PHE A 255 -28.29 -19.47 7.79
C PHE A 255 -28.96 -18.42 6.91
N MET A 256 -28.21 -17.52 6.29
CA MET A 256 -28.78 -16.58 5.29
C MET A 256 -27.85 -16.50 4.08
N TYR A 257 -28.46 -16.24 2.93
CA TYR A 257 -27.78 -15.89 1.66
C TYR A 257 -27.56 -14.38 1.62
N TYR A 258 -26.33 -13.99 1.29
CA TYR A 258 -25.84 -12.59 1.23
C TYR A 258 -26.81 -11.72 0.44
N GLU A 259 -27.20 -12.17 -0.75
CA GLU A 259 -28.06 -11.37 -1.65
C GLU A 259 -29.45 -11.20 -1.01
N ASP A 260 -29.98 -12.18 -0.26
CA ASP A 260 -31.27 -12.01 0.46
C ASP A 260 -31.10 -10.95 1.54
N MET A 261 -30.01 -10.99 2.29
CA MET A 261 -29.82 -10.05 3.41
C MET A 261 -29.81 -8.61 2.90
N LYS A 262 -29.07 -8.37 1.80
CA LYS A 262 -28.86 -7.02 1.24
C LYS A 262 -30.15 -6.55 0.55
N ARG A 263 -31.00 -7.45 0.06
CA ARG A 263 -32.20 -7.09 -0.74
C ARG A 263 -33.30 -6.52 0.19
N ASN A 264 -33.32 -6.86 1.47
CA ASN A 264 -34.44 -6.44 2.35
C ASN A 264 -33.88 -6.22 3.75
N LEU A 265 -33.29 -5.06 3.99
CA LEU A 265 -32.65 -4.76 5.29
C LEU A 265 -33.66 -4.89 6.42
N PRO A 266 -34.90 -4.33 6.34
CA PRO A 266 -35.83 -4.42 7.47
C PRO A 266 -36.09 -5.87 7.88
N ASP A 267 -36.34 -6.75 6.92
CA ASP A 267 -36.58 -8.18 7.22
C ASP A 267 -35.30 -8.80 7.81
N THR A 268 -34.14 -8.49 7.22
CA THR A 268 -32.85 -9.07 7.68
C THR A 268 -32.65 -8.67 9.14
N ILE A 269 -32.83 -7.41 9.44
CA ILE A 269 -32.55 -6.88 10.80
C ILE A 269 -33.52 -7.54 11.80
N ARG A 270 -34.82 -7.62 11.48
CA ARG A 270 -35.85 -8.15 12.40
C ARG A 270 -35.58 -9.63 12.66
N LYS A 271 -35.34 -10.36 11.59
CA LYS A 271 -35.12 -11.82 11.61
C LYS A 271 -33.88 -12.12 12.47
N THR A 272 -32.80 -11.35 12.27
CA THR A 272 -31.53 -11.56 12.98
C THR A 272 -31.78 -11.24 14.46
N ALA A 273 -32.44 -10.11 14.72
CA ALA A 273 -32.77 -9.65 16.09
C ALA A 273 -33.56 -10.74 16.82
N ALA A 274 -34.58 -11.29 16.16
CA ALA A 274 -35.45 -12.35 16.72
C ALA A 274 -34.61 -13.58 17.00
N PHE A 275 -33.72 -13.97 16.09
CA PHE A 275 -32.86 -15.15 16.32
C PHE A 275 -32.02 -14.94 17.57
N LEU A 276 -31.55 -13.70 17.77
CA LEU A 276 -30.63 -13.37 18.90
C LEU A 276 -31.40 -13.09 20.20
N GLY A 277 -32.73 -13.17 20.20
CA GLY A 277 -33.54 -12.92 21.42
C GLY A 277 -33.57 -11.44 21.77
N LYS A 278 -33.53 -10.57 20.75
CA LYS A 278 -33.62 -9.11 20.94
C LYS A 278 -34.88 -8.59 20.26
N SER A 279 -35.35 -7.46 20.78
CA SER A 279 -36.66 -6.84 20.52
C SER A 279 -36.49 -5.33 20.28
N PHE A 280 -36.80 -4.81 19.07
CA PHE A 280 -36.59 -3.37 18.73
C PHE A 280 -37.83 -2.77 18.06
N SER A 281 -38.05 -1.46 18.25
CA SER A 281 -39.18 -0.69 17.66
C SER A 281 -38.96 -0.51 16.16
N ASP A 282 -39.99 -0.08 15.45
CA ASP A 282 -39.91 0.32 14.02
C ASP A 282 -38.87 1.42 13.86
N ASP A 283 -38.90 2.42 14.74
CA ASP A 283 -37.97 3.56 14.69
C ASP A 283 -36.53 3.04 14.82
N GLN A 284 -36.29 2.13 15.74
CA GLN A 284 -34.94 1.55 15.94
C GLN A 284 -34.52 0.76 14.70
N ILE A 285 -35.43 -0.04 14.14
CA ILE A 285 -35.13 -0.83 12.92
C ILE A 285 -34.74 0.13 11.80
N ASP A 286 -35.45 1.27 11.68
CA ASP A 286 -35.17 2.31 10.65
C ASP A 286 -33.74 2.87 10.82
N THR A 287 -33.31 3.24 12.02
CA THR A 287 -31.92 3.74 12.23
C THR A 287 -30.93 2.66 11.81
N MET A 288 -31.23 1.39 12.04
CA MET A 288 -30.31 0.29 11.67
C MET A 288 -30.29 0.14 10.14
N CYS A 289 -31.41 0.33 9.46
CA CYS A 289 -31.48 0.34 7.96
C CYS A 289 -30.57 1.44 7.41
N THR A 290 -30.62 2.64 7.99
CA THR A 290 -29.80 3.82 7.57
C THR A 290 -28.30 3.49 7.75
N HIS A 291 -27.95 2.96 8.93
CA HIS A 291 -26.56 2.63 9.31
C HIS A 291 -26.00 1.61 8.33
N LEU A 292 -26.84 0.68 7.87
CA LEU A 292 -26.35 -0.51 7.12
C LEU A 292 -26.58 -0.30 5.64
N ASP A 293 -27.17 0.82 5.25
CA ASP A 293 -27.38 1.18 3.82
C ASP A 293 -26.00 1.21 3.15
N ILE A 294 -25.88 0.75 1.91
CA ILE A 294 -24.59 0.70 1.15
C ILE A 294 -23.95 2.10 1.12
N ARG A 295 -24.75 3.16 0.95
CA ARG A 295 -24.30 4.57 0.88
C ARG A 295 -23.59 4.97 2.18
N ASN A 296 -24.15 4.66 3.35
CA ASN A 296 -23.55 5.08 4.66
C ASN A 296 -22.44 4.11 5.06
N PHE A 297 -22.65 2.81 4.83
CA PHE A 297 -21.70 1.75 5.22
C PHE A 297 -20.35 1.95 4.50
N ARG A 298 -20.35 2.49 3.27
CA ARG A 298 -19.09 2.78 2.53
C ARG A 298 -18.22 3.74 3.35
N HIS A 299 -18.78 4.57 4.21
CA HIS A 299 -18.02 5.53 5.03
C HIS A 299 -17.86 5.00 6.46
N ASN A 300 -18.23 3.74 6.73
CA ASN A 300 -18.10 3.16 8.09
C ASN A 300 -16.62 2.80 8.34
N LYS A 301 -16.09 3.12 9.52
CA LYS A 301 -14.70 2.79 9.96
C LYS A 301 -14.38 1.31 9.75
N SER A 302 -15.34 0.39 9.91
CA SER A 302 -15.09 -1.07 9.82
C SER A 302 -14.78 -1.48 8.39
N VAL A 303 -15.03 -0.60 7.41
CA VAL A 303 -14.69 -0.79 5.97
C VAL A 303 -13.24 -0.34 5.68
N THR A 304 -12.78 0.81 6.21
CA THR A 304 -11.41 1.38 6.02
C THR A 304 -10.43 0.82 7.08
N GLU A 307 -6.10 1.03 11.31
CA GLU A 307 -5.13 0.33 12.22
C GLU A 307 -4.21 -0.54 11.36
N LEU A 308 -4.76 -1.55 10.67
CA LEU A 308 -4.02 -2.35 9.66
C LEU A 308 -3.49 -1.44 8.55
N LYS A 309 -4.24 -0.39 8.17
CA LYS A 309 -3.86 0.55 7.10
C LYS A 309 -2.64 1.37 7.57
N ALA A 310 -2.67 1.83 8.83
CA ALA A 310 -1.70 2.76 9.44
C ALA A 310 -0.30 2.13 9.51
N VAL A 311 -0.20 0.82 9.79
CA VAL A 311 1.11 0.08 9.86
C VAL A 311 1.43 -0.55 8.49
N GLY A 312 0.62 -0.30 7.47
CA GLY A 312 0.89 -0.71 6.07
C GLY A 312 0.76 -2.20 5.83
N ILE A 313 0.01 -2.93 6.66
CA ILE A 313 -0.31 -4.37 6.43
C ILE A 313 -1.40 -4.50 5.35
N LEU A 314 -2.34 -3.56 5.26
CA LEU A 314 -3.20 -3.43 4.06
C LEU A 314 -2.35 -2.75 3.00
N ASN A 315 -2.50 -3.22 1.77
CA ASN A 315 -1.89 -2.66 0.55
C ASN A 315 -2.73 -1.45 0.10
N SER A 316 -2.21 -0.24 0.33
CA SER A 316 -2.90 1.06 0.08
C SER A 316 -3.16 1.24 -1.44
N GLY A 317 -2.39 0.54 -2.28
CA GLY A 317 -2.61 0.52 -3.74
C GLY A 317 -3.83 -0.30 -4.15
N GLU A 318 -4.56 -0.95 -3.23
CA GLU A 318 -5.64 -1.92 -3.59
C GLU A 318 -6.95 -1.48 -2.95
N GLN A 319 -7.09 -0.18 -2.71
CA GLN A 319 -8.28 0.42 -2.06
C GLN A 319 -9.34 0.78 -3.12
N GLY A 320 -8.99 0.76 -4.41
CA GLY A 320 -9.92 0.78 -5.54
C GLY A 320 -11.18 -0.04 -5.28
N PHE A 321 -11.03 -1.34 -4.99
CA PHE A 321 -12.20 -2.26 -4.89
C PHE A 321 -12.99 -1.97 -3.62
N VAL A 322 -12.30 -1.67 -2.52
CA VAL A 322 -12.87 -1.20 -1.23
C VAL A 322 -13.79 0.01 -1.48
N ARG A 323 -13.33 1.04 -2.22
CA ARG A 323 -14.10 2.29 -2.50
C ARG A 323 -15.27 2.01 -3.46
N ASN A 324 -15.12 1.11 -4.45
CA ASN A 324 -16.01 1.05 -5.63
C ASN A 324 -16.81 -0.26 -5.76
N GLY A 325 -16.36 -1.39 -5.18
CA GLY A 325 -16.98 -2.71 -5.40
C GLY A 325 -16.90 -3.14 -6.88
N GLN A 326 -17.79 -4.05 -7.30
CA GLN A 326 -17.82 -4.62 -8.68
C GLN A 326 -19.15 -4.24 -9.36
N VAL A 327 -19.15 -4.20 -10.70
CA VAL A 327 -20.40 -4.13 -11.52
C VAL A 327 -21.21 -5.39 -11.20
N ARG A 328 -22.42 -5.16 -10.66
CA ARG A 328 -23.37 -6.20 -10.16
C ARG A 328 -23.63 -7.20 -11.29
N GLY A 329 -23.28 -8.47 -11.07
CA GLY A 329 -23.47 -9.58 -12.02
C GLY A 329 -22.61 -9.45 -13.28
N ASN A 330 -21.58 -8.61 -13.31
CA ASN A 330 -20.61 -8.55 -14.45
C ASN A 330 -19.35 -7.78 -14.03
N ALA A 331 -18.62 -8.31 -13.05
CA ALA A 331 -17.29 -7.80 -12.64
C ALA A 331 -16.42 -7.62 -13.89
N GLU A 332 -15.69 -6.52 -14.01
CA GLU A 332 -14.79 -6.29 -15.17
C GLU A 332 -13.69 -7.35 -15.25
N GLU A 333 -13.30 -8.02 -14.15
CA GLU A 333 -12.29 -9.12 -14.13
C GLU A 333 -12.87 -10.40 -14.77
N MET A 334 -14.19 -10.51 -14.73
CA MET A 334 -14.90 -11.71 -15.22
C MET A 334 -14.68 -11.81 -16.74
N THR A 335 -14.45 -13.02 -17.24
CA THR A 335 -14.39 -13.37 -18.68
C THR A 335 -15.50 -14.40 -18.93
N ASP A 336 -16.02 -14.46 -20.16
CA ASP A 336 -17.03 -15.50 -20.53
C ASP A 336 -16.51 -16.91 -20.20
N ASP A 337 -15.22 -17.17 -20.38
CA ASP A 337 -14.65 -18.50 -20.08
C ASP A 337 -14.75 -18.79 -18.58
N ILE A 338 -14.31 -17.85 -17.75
CA ILE A 338 -14.41 -18.02 -16.28
C ILE A 338 -15.88 -18.12 -15.86
N LYS A 339 -16.77 -17.29 -16.42
CA LYS A 339 -18.23 -17.37 -16.12
C LYS A 339 -18.72 -18.80 -16.37
N ARG A 340 -18.38 -19.36 -17.52
CA ARG A 340 -18.82 -20.72 -17.91
C ARG A 340 -18.26 -21.73 -16.90
N ARG A 341 -16.98 -21.63 -16.53
CA ARG A 341 -16.34 -22.54 -15.55
C ARG A 341 -17.04 -22.42 -14.18
N LEU A 342 -17.42 -21.21 -13.76
CA LEU A 342 -18.15 -20.99 -12.48
C LEU A 342 -19.49 -21.72 -12.52
N ASN A 343 -20.20 -21.60 -13.65
CA ASN A 343 -21.49 -22.31 -13.88
C ASN A 343 -21.30 -23.80 -13.75
N GLU A 344 -20.32 -24.37 -14.44
CA GLU A 344 -20.11 -25.85 -14.48
C GLU A 344 -19.67 -26.36 -13.10
N TRP A 345 -18.79 -25.61 -12.44
CA TRP A 345 -18.31 -25.93 -11.08
C TRP A 345 -19.51 -25.95 -10.10
N THR A 346 -20.38 -24.95 -10.20
CA THR A 346 -21.63 -24.82 -9.41
C THR A 346 -22.51 -26.06 -9.66
N GLU A 347 -22.73 -26.42 -10.94
CA GLU A 347 -23.58 -27.58 -11.33
C GLU A 347 -23.01 -28.86 -10.71
N ARG A 348 -21.71 -29.13 -10.94
CA ARG A 348 -21.06 -30.36 -10.40
C ARG A 348 -21.31 -30.44 -8.89
N ASN A 349 -21.18 -29.33 -8.16
CA ASN A 349 -21.17 -29.33 -6.68
C ASN A 349 -22.59 -29.24 -6.08
N LEU A 350 -23.56 -28.63 -6.78
CA LEU A 350 -24.93 -28.43 -6.20
C LEU A 350 -25.93 -29.47 -6.74
N ASN A 351 -25.59 -30.19 -7.81
CA ASN A 351 -26.40 -31.31 -8.36
C ASN A 351 -26.85 -32.23 -7.22
N GLY A 352 -28.15 -32.54 -7.13
CA GLY A 352 -28.70 -33.47 -6.13
C GLY A 352 -28.76 -32.85 -4.73
N THR A 353 -28.70 -31.52 -4.62
CA THR A 353 -28.90 -30.75 -3.37
C THR A 353 -30.08 -29.80 -3.59
N ASP A 354 -30.58 -29.19 -2.52
CA ASP A 354 -31.62 -28.14 -2.61
C ASP A 354 -30.97 -26.79 -2.31
N ILE A 355 -29.67 -26.65 -2.51
CA ILE A 355 -28.97 -25.33 -2.35
C ILE A 355 -29.18 -24.53 -3.63
N ARG A 356 -29.61 -23.28 -3.52
CA ARG A 356 -29.83 -22.41 -4.69
C ARG A 356 -29.61 -20.98 -4.23
N PHE A 357 -28.70 -20.28 -4.86
CA PHE A 357 -28.40 -18.84 -4.60
C PHE A 357 -29.59 -18.04 -5.15
N PRO A 358 -29.99 -16.94 -4.50
CA PRO A 358 -31.08 -16.09 -5.01
C PRO A 358 -30.95 -15.65 -6.47
N PRO B 23 6.67 36.56 -15.25
CA PRO B 23 6.19 36.12 -16.59
C PRO B 23 6.87 34.81 -17.05
N PHE B 24 6.14 33.68 -17.05
CA PHE B 24 6.73 32.34 -17.35
C PHE B 24 7.11 32.31 -18.83
N PRO B 25 8.41 32.19 -19.18
CA PRO B 25 8.85 32.43 -20.56
C PRO B 25 8.63 31.31 -21.59
N TYR B 26 8.18 30.11 -21.19
CA TYR B 26 8.19 28.92 -22.07
C TYR B 26 6.76 28.46 -22.37
N SER B 27 6.57 27.89 -23.55
CA SER B 27 5.30 27.26 -23.98
C SER B 27 5.00 26.11 -23.04
N ILE B 28 3.72 25.92 -22.74
CA ILE B 28 3.19 24.74 -22.00
C ILE B 28 2.10 24.14 -22.88
N ASP B 29 2.32 22.98 -23.46
CA ASP B 29 1.38 22.35 -24.43
C ASP B 29 1.05 20.95 -23.93
N PHE B 30 -0.22 20.57 -24.06
CA PHE B 30 -0.70 19.21 -23.73
C PHE B 30 -0.03 18.25 -24.70
N VAL B 31 0.33 17.07 -24.18
CA VAL B 31 0.90 15.97 -25.00
C VAL B 31 -0.13 15.64 -26.08
N GLU B 32 0.32 15.33 -27.28
CA GLU B 32 -0.54 14.90 -28.41
C GLU B 32 -1.57 13.87 -27.92
N SER B 33 -2.81 13.99 -28.39
CA SER B 33 -4.04 13.46 -27.76
C SER B 33 -3.99 11.93 -27.59
N LYS B 34 -3.45 11.17 -28.54
CA LYS B 34 -3.43 9.68 -28.45
C LYS B 34 -2.37 9.22 -27.44
N GLN B 35 -1.18 9.83 -27.48
CA GLN B 35 -0.11 9.53 -26.49
C GLN B 35 -0.62 9.92 -25.09
N ASN B 36 -1.29 11.06 -25.00
CA ASN B 36 -1.85 11.57 -23.72
C ASN B 36 -2.87 10.57 -23.19
N GLU B 37 -3.75 10.09 -24.06
CA GLU B 37 -4.75 9.05 -23.68
C GLU B 37 -4.05 7.81 -23.13
N GLN B 38 -3.03 7.30 -23.82
CA GLN B 38 -2.30 6.08 -23.36
C GLN B 38 -1.63 6.35 -22.00
N LEU B 39 -1.05 7.54 -21.81
CA LEU B 39 -0.33 7.89 -20.54
C LEU B 39 -1.32 7.83 -19.37
N LEU B 40 -2.52 8.38 -19.56
CA LEU B 40 -3.61 8.35 -18.54
C LEU B 40 -4.03 6.90 -18.22
N LYS B 41 -3.98 5.97 -19.18
CA LYS B 41 -4.28 4.55 -18.91
C LYS B 41 -3.24 3.94 -17.99
N ASP B 42 -1.97 4.34 -18.10
CA ASP B 42 -0.84 3.69 -17.37
C ASP B 42 -0.46 4.48 -16.10
N PHE B 43 -0.82 5.77 -16.00
CA PHE B 43 -0.43 6.66 -14.86
C PHE B 43 -1.70 7.17 -14.17
N HIS B 44 -2.22 6.43 -13.19
CA HIS B 44 -3.52 6.69 -12.52
C HIS B 44 -3.41 7.85 -11.51
N GLY B 45 -2.20 8.33 -11.21
CA GLY B 45 -1.96 9.51 -10.34
C GLY B 45 -2.36 10.83 -11.00
N GLU B 46 -2.55 10.83 -12.32
CA GLU B 46 -2.98 12.03 -13.08
C GLU B 46 -4.32 11.70 -13.75
N ARG B 47 -5.26 12.64 -13.80
CA ARG B 47 -6.64 12.38 -14.30
C ARG B 47 -7.07 13.40 -15.35
N THR B 48 -6.25 14.42 -15.70
CA THR B 48 -6.59 15.40 -16.74
C THR B 48 -5.65 15.19 -17.94
N GLY B 49 -4.33 15.20 -17.74
CA GLY B 49 -3.35 14.96 -18.82
C GLY B 49 -1.96 15.46 -18.49
N PHE B 50 -1.06 15.39 -19.49
CA PHE B 50 0.38 15.71 -19.32
C PHE B 50 0.77 16.80 -20.30
N VAL B 51 1.76 17.60 -19.89
CA VAL B 51 2.23 18.79 -20.64
C VAL B 51 3.73 18.62 -20.94
N GLN B 52 4.14 19.23 -22.05
CA GLN B 52 5.55 19.42 -22.46
C GLN B 52 5.87 20.92 -22.47
N VAL B 53 7.00 21.27 -21.87
CA VAL B 53 7.37 22.69 -21.59
C VAL B 53 8.54 23.09 -22.48
N GLY B 54 8.35 24.10 -23.33
CA GLY B 54 9.44 24.77 -24.08
C GLY B 54 10.03 23.86 -25.13
N GLU B 55 11.16 24.25 -25.71
CA GLU B 55 11.83 23.57 -26.86
C GLU B 55 12.26 22.16 -26.43
N LYS B 56 12.69 21.98 -25.19
CA LYS B 56 13.21 20.66 -24.71
C LYS B 56 12.09 19.73 -24.30
N ARG B 57 10.85 20.22 -24.21
CA ARG B 57 9.65 19.39 -23.95
C ARG B 57 9.76 18.72 -22.57
N TRP B 58 10.13 19.49 -21.55
CA TRP B 58 10.11 19.02 -20.16
C TRP B 58 8.70 18.51 -19.84
N PHE B 59 8.62 17.31 -19.31
CA PHE B 59 7.35 16.57 -19.12
C PHE B 59 6.84 16.73 -17.70
N PHE B 60 5.57 17.10 -17.56
CA PHE B 60 4.90 17.26 -16.24
C PHE B 60 3.43 16.88 -16.30
N PRO B 61 2.80 16.57 -15.15
CA PRO B 61 1.34 16.45 -15.14
C PRO B 61 0.69 17.83 -15.22
N SER B 62 -0.62 17.84 -15.42
CA SER B 62 -1.42 19.01 -15.85
C SER B 62 -1.22 20.19 -14.90
N ARG B 63 -1.01 19.94 -13.60
CA ARG B 63 -0.97 21.05 -12.63
C ARG B 63 0.24 21.95 -12.88
N PHE B 64 1.26 21.49 -13.61
CA PHE B 64 2.40 22.38 -13.94
C PHE B 64 1.84 23.66 -14.58
N LYS B 65 0.89 23.51 -15.50
CA LYS B 65 0.25 24.66 -16.19
C LYS B 65 -0.36 25.63 -15.15
N GLN B 66 -0.94 25.11 -14.07
CA GLN B 66 -1.58 25.97 -13.04
C GLN B 66 -0.49 26.65 -12.20
N TYR B 67 0.63 25.99 -11.94
CA TYR B 67 1.62 26.51 -10.96
C TYR B 67 2.90 27.04 -11.62
N ALA B 68 3.04 26.98 -12.94
CA ALA B 68 4.29 27.37 -13.65
C ALA B 68 4.76 28.76 -13.19
N GLU B 69 3.87 29.76 -13.16
CA GLU B 69 4.25 31.18 -12.86
C GLU B 69 4.75 31.28 -11.42
N SER B 70 4.02 30.71 -10.45
CA SER B 70 4.36 30.82 -9.01
C SER B 70 5.64 30.02 -8.72
N LEU B 71 5.90 28.92 -9.44
CA LEU B 71 7.15 28.14 -9.26
C LEU B 71 8.32 29.00 -9.73
N TYR B 72 8.21 29.54 -10.94
CA TYR B 72 9.28 30.31 -11.63
C TYR B 72 9.57 31.60 -10.88
N SER B 73 8.56 32.24 -10.30
CA SER B 73 8.71 33.52 -9.54
C SER B 73 9.14 33.29 -8.10
N PHE B 74 9.28 32.04 -7.64
CA PHE B 74 9.74 31.76 -6.25
C PHE B 74 11.07 32.51 -6.01
N GLU B 75 11.18 33.18 -4.86
CA GLU B 75 12.34 34.06 -4.52
C GLU B 75 13.35 33.27 -3.67
N ALA B 76 14.45 32.87 -4.28
CA ALA B 76 15.60 32.22 -3.64
C ALA B 76 16.31 33.25 -2.75
N ARG B 77 17.07 32.78 -1.78
CA ARG B 77 17.91 33.63 -0.93
C ARG B 77 19.37 33.22 -1.06
N PRO B 78 20.33 34.16 -0.88
CA PRO B 78 21.75 33.84 -1.02
C PRO B 78 22.23 32.78 -0.03
N ASP B 79 21.54 32.56 1.09
CA ASP B 79 21.96 31.50 2.06
C ASP B 79 21.07 30.26 1.96
N ASP B 80 20.29 30.10 0.88
CA ASP B 80 19.56 28.83 0.61
C ASP B 80 20.59 27.77 0.21
N THR B 81 20.33 26.50 0.54
CA THR B 81 21.03 25.35 -0.05
C THR B 81 19.99 24.57 -0.84
N TRP B 82 20.20 24.46 -2.16
CA TRP B 82 19.34 23.72 -3.12
C TRP B 82 19.98 22.39 -3.50
N ILE B 83 19.20 21.31 -3.47
CA ILE B 83 19.65 20.03 -4.10
C ILE B 83 18.80 19.82 -5.33
N VAL B 84 19.46 19.71 -6.47
CA VAL B 84 18.83 19.61 -7.80
C VAL B 84 19.27 18.28 -8.40
N THR B 85 18.34 17.37 -8.65
CA THR B 85 18.62 16.03 -9.22
C THR B 85 17.51 15.60 -10.17
N TYR B 86 17.81 14.73 -11.12
CA TYR B 86 16.77 13.90 -11.73
C TYR B 86 16.27 12.98 -10.62
N PRO B 87 15.00 12.58 -10.60
CA PRO B 87 14.52 11.65 -9.56
C PRO B 87 15.38 10.38 -9.42
N ARG B 88 15.49 9.92 -8.16
CA ARG B 88 16.19 8.67 -7.74
C ARG B 88 17.65 8.72 -8.21
N SER B 89 18.27 9.88 -8.04
CA SER B 89 19.69 10.17 -8.34
C SER B 89 20.41 10.55 -7.04
N GLY B 90 19.98 9.97 -5.92
CA GLY B 90 20.67 10.03 -4.62
C GLY B 90 20.24 11.22 -3.80
N THR B 91 19.03 11.67 -4.06
CA THR B 91 18.46 12.91 -3.52
C THR B 91 18.33 12.80 -1.98
N THR B 92 17.68 11.76 -1.47
CA THR B 92 17.34 11.63 -0.01
C THR B 92 18.63 11.53 0.82
N TRP B 93 19.55 10.67 0.38
CA TRP B 93 20.85 10.46 1.04
C TRP B 93 21.63 11.77 1.06
N SER B 94 21.67 12.48 -0.08
CA SER B 94 22.38 13.79 -0.20
C SER B 94 21.75 14.83 0.73
N GLN B 95 20.43 14.84 0.84
CA GLN B 95 19.68 15.84 1.65
C GLN B 95 20.06 15.62 3.10
N GLU B 96 20.10 14.36 3.51
CA GLU B 96 20.44 13.97 4.90
C GLU B 96 21.87 14.44 5.14
N MET B 97 22.81 14.11 4.26
CA MET B 97 24.22 14.53 4.41
C MET B 97 24.29 16.06 4.52
N VAL B 98 23.66 16.78 3.59
CA VAL B 98 23.79 18.26 3.47
C VAL B 98 23.15 18.94 4.70
N TRP B 99 21.97 18.49 5.13
CA TRP B 99 21.26 19.11 6.26
C TRP B 99 22.18 19.04 7.49
N LEU B 100 22.74 17.87 7.76
CA LEU B 100 23.64 17.65 8.90
C LEU B 100 24.89 18.54 8.78
N LEU B 101 25.55 18.63 7.63
CA LEU B 101 26.77 19.47 7.48
C LEU B 101 26.42 20.93 7.74
N CYS B 102 25.19 21.36 7.49
CA CYS B 102 24.83 22.80 7.59
C CYS B 102 24.19 23.09 8.94
N ASN B 103 24.10 22.10 9.84
CA ASN B 103 23.36 22.23 11.13
C ASN B 103 24.19 21.58 12.25
N GLU B 104 25.51 21.75 12.19
CA GLU B 104 26.50 21.28 13.19
C GLU B 104 26.26 19.83 13.58
N LEU B 105 25.99 18.97 12.60
CA LEU B 105 25.91 17.50 12.77
C LEU B 105 24.89 17.20 13.87
N ASP B 106 23.76 17.92 13.89
CA ASP B 106 22.72 17.78 14.93
C ASP B 106 21.86 16.56 14.61
N PHE B 107 22.40 15.36 14.91
CA PHE B 107 21.74 14.04 14.67
C PHE B 107 20.40 13.99 15.39
N GLU B 108 20.32 14.57 16.59
CA GLU B 108 19.10 14.51 17.43
C GLU B 108 17.96 15.26 16.74
N THR B 109 18.22 16.47 16.25
CA THR B 109 17.18 17.24 15.49
C THR B 109 16.87 16.52 14.18
N ALA B 110 17.88 16.03 13.44
CA ALA B 110 17.65 15.32 12.15
C ALA B 110 16.70 14.13 12.39
N LYS B 111 16.84 13.42 13.50
CA LYS B 111 16.03 12.21 13.84
C LYS B 111 14.59 12.63 14.18
N SER B 112 14.39 13.74 14.90
CA SER B 112 13.08 14.09 15.51
C SER B 112 12.19 14.84 14.52
N ILE B 113 12.77 15.53 13.53
CA ILE B 113 11.98 16.28 12.50
C ILE B 113 12.12 15.54 11.18
N PRO B 114 11.01 15.19 10.51
CA PRO B 114 11.10 14.54 9.20
C PRO B 114 11.87 15.41 8.20
N LEU B 115 12.65 14.72 7.36
CA LEU B 115 13.42 15.33 6.24
C LEU B 115 12.53 16.19 5.36
N THR B 116 11.28 15.78 5.12
CA THR B 116 10.35 16.53 4.23
C THR B 116 10.01 17.88 4.85
N GLN B 117 10.11 18.03 6.18
CA GLN B 117 9.92 19.34 6.87
C GLN B 117 11.26 20.07 6.92
N ARG B 118 12.36 19.37 7.16
CA ARG B 118 13.69 20.04 7.26
C ARG B 118 14.16 20.51 5.89
N PHE B 119 13.70 19.83 4.84
CA PHE B 119 14.28 19.95 3.47
C PHE B 119 13.15 19.88 2.45
N PRO B 120 12.22 20.88 2.43
CA PRO B 120 11.00 20.74 1.65
C PRO B 120 11.21 20.60 0.13
N PHE B 121 10.28 19.91 -0.50
CA PHE B 121 10.27 19.56 -1.95
C PHE B 121 9.42 20.61 -2.67
N LEU B 122 10.09 21.52 -3.36
CA LEU B 122 9.44 22.73 -3.93
C LEU B 122 8.18 22.37 -4.74
N GLU B 123 8.25 21.39 -5.64
CA GLU B 123 7.18 21.19 -6.66
C GLU B 123 6.39 19.89 -6.41
N PHE B 124 6.40 19.33 -5.20
CA PHE B 124 5.64 18.07 -4.92
C PHE B 124 4.14 18.26 -5.25
N HIS B 125 3.59 19.43 -4.90
CA HIS B 125 2.15 19.78 -5.06
C HIS B 125 1.68 19.61 -6.51
N LEU B 126 2.56 19.63 -7.51
CA LEU B 126 2.18 19.37 -8.92
C LEU B 126 1.54 17.99 -9.06
N PHE B 127 1.88 17.05 -8.19
CA PHE B 127 1.61 15.61 -8.41
C PHE B 127 0.47 15.15 -7.52
N VAL B 128 -0.25 16.11 -6.92
CA VAL B 128 -1.50 15.81 -6.17
C VAL B 128 -2.68 16.38 -6.97
N HIS B 129 -3.24 15.53 -7.81
CA HIS B 129 -4.41 15.82 -8.66
C HIS B 129 -5.66 15.87 -7.78
N ASP B 130 -6.58 16.81 -8.03
CA ASP B 130 -7.77 17.02 -7.17
C ASP B 130 -8.56 15.71 -7.04
N GLU B 131 -8.73 14.97 -8.13
CA GLU B 131 -9.58 13.74 -8.11
C GLU B 131 -8.88 12.62 -7.33
N VAL B 132 -7.54 12.58 -7.35
CA VAL B 132 -6.77 11.55 -6.58
C VAL B 132 -6.79 11.99 -5.12
N LYS B 133 -6.62 13.29 -4.86
CA LYS B 133 -6.65 13.82 -3.47
C LYS B 133 -7.97 13.38 -2.81
N ALA B 134 -9.08 13.41 -3.55
CA ALA B 134 -10.43 13.06 -3.05
C ALA B 134 -10.45 11.59 -2.55
N GLU B 135 -9.80 10.70 -3.29
CA GLU B 135 -9.62 9.27 -2.89
C GLU B 135 -8.81 9.19 -1.58
N PHE B 136 -7.69 9.90 -1.48
CA PHE B 136 -6.85 9.91 -0.26
C PHE B 136 -7.70 10.37 0.93
N LEU B 137 -8.52 11.39 0.72
CA LEU B 137 -9.35 12.00 1.81
C LEU B 137 -10.40 10.96 2.21
N LYS B 138 -11.05 10.32 1.24
CA LYS B 138 -12.07 9.27 1.54
C LYS B 138 -11.41 8.21 2.44
N GLU B 139 -10.20 7.77 2.09
CA GLU B 139 -9.52 6.65 2.78
C GLU B 139 -9.08 7.09 4.18
N ASN B 140 -9.07 8.39 4.44
CA ASN B 140 -8.60 8.90 5.75
C ASN B 140 -9.70 9.77 6.37
N GLU B 141 -10.97 9.59 5.97
CA GLU B 141 -12.08 10.53 6.32
C GLU B 141 -12.34 10.57 7.84
N HIS B 142 -11.88 9.59 8.61
CA HIS B 142 -12.15 9.55 10.08
C HIS B 142 -11.06 10.21 10.91
N ASP B 143 -10.01 10.74 10.29
CA ASP B 143 -8.87 11.37 11.02
C ASP B 143 -8.63 12.77 10.46
N VAL B 144 -9.12 13.80 11.17
CA VAL B 144 -9.02 15.22 10.73
C VAL B 144 -7.55 15.60 10.51
N GLU B 145 -6.62 15.09 11.31
CA GLU B 145 -5.19 15.51 11.21
C GLU B 145 -4.63 14.95 9.90
N SER B 146 -4.94 13.70 9.57
CA SER B 146 -4.55 13.06 8.28
C SER B 146 -5.09 13.91 7.13
N MET B 147 -6.34 14.38 7.24
CA MET B 147 -7.02 15.12 6.15
C MET B 147 -6.33 16.49 5.94
N LYS B 148 -5.97 17.19 7.03
CA LYS B 148 -5.21 18.47 6.94
C LYS B 148 -3.86 18.22 6.26
N PHE B 149 -3.14 17.17 6.69
CA PHE B 149 -1.85 16.76 6.12
C PHE B 149 -1.99 16.60 4.59
N ILE B 150 -3.00 15.85 4.16
CA ILE B 150 -3.23 15.57 2.71
C ILE B 150 -3.46 16.88 1.98
N GLU B 151 -4.33 17.76 2.53
CA GLU B 151 -4.65 19.08 1.92
C GLU B 151 -3.36 19.89 1.72
N GLN B 152 -2.50 19.90 2.74
CA GLN B 152 -1.20 20.63 2.77
C GLN B 152 -0.28 20.11 1.65
N LEU B 153 -0.29 18.80 1.40
CA LEU B 153 0.50 18.20 0.29
C LEU B 153 0.18 18.93 -1.02
N SER B 154 -1.07 19.32 -1.23
CA SER B 154 -1.53 19.95 -2.50
C SER B 154 -1.19 21.44 -2.54
N GLN B 155 -0.72 22.03 -1.44
CA GLN B 155 -0.33 23.47 -1.38
C GLN B 155 1.17 23.61 -1.67
N PRO B 156 1.58 24.66 -2.39
CA PRO B 156 3.01 24.93 -2.64
C PRO B 156 3.84 25.04 -1.34
N ALA B 157 4.93 24.27 -1.22
CA ALA B 157 5.96 24.40 -0.16
C ALA B 157 6.48 25.84 -0.13
N GLY B 158 6.44 26.53 -1.28
CA GLY B 158 6.92 27.93 -1.42
C GLY B 158 6.34 28.86 -0.37
N PHE B 159 5.07 28.70 0.00
CA PHE B 159 4.38 29.55 1.02
C PHE B 159 5.14 29.46 2.34
N MET B 160 5.32 28.26 2.89
CA MET B 160 5.99 28.09 4.19
C MET B 160 7.48 28.45 4.05
N LEU B 161 8.09 28.17 2.90
CA LEU B 161 9.53 28.52 2.67
C LEU B 161 9.72 30.04 2.76
N ALA B 162 8.85 30.81 2.10
CA ALA B 162 8.88 32.29 2.08
C ALA B 162 8.75 32.83 3.51
N GLU B 163 8.07 32.13 4.41
CA GLU B 163 7.85 32.62 5.80
C GLU B 163 9.06 32.33 6.69
N MET B 164 9.98 31.44 6.30
CA MET B 164 11.13 31.05 7.17
C MET B 164 12.03 32.28 7.39
N LYS B 165 12.61 32.37 8.57
CA LYS B 165 13.54 33.46 8.93
C LYS B 165 14.92 32.86 9.23
N THR B 166 15.11 31.56 8.95
CA THR B 166 16.41 30.86 9.10
C THR B 166 16.84 30.36 7.74
N PRO B 167 18.12 29.95 7.56
CA PRO B 167 18.59 29.41 6.28
C PRO B 167 17.76 28.18 5.85
N ARG B 168 17.45 28.11 4.56
CA ARG B 168 16.48 27.15 3.98
C ARG B 168 17.23 26.06 3.23
N PHE B 169 16.58 24.91 3.13
CA PHE B 169 17.09 23.70 2.46
C PHE B 169 16.00 23.27 1.50
N ILE B 170 16.24 23.39 0.20
CA ILE B 170 15.16 23.17 -0.80
C ILE B 170 15.59 22.03 -1.73
N LYS B 171 14.75 21.01 -1.87
CA LYS B 171 14.88 19.89 -2.82
C LYS B 171 14.05 20.23 -4.05
N THR B 172 14.57 19.95 -5.24
CA THR B 172 13.80 20.07 -6.50
C THR B 172 14.36 19.06 -7.50
N HIS B 173 13.51 18.60 -8.41
CA HIS B 173 13.93 17.88 -9.64
C HIS B 173 13.80 18.80 -10.86
N LEU B 174 13.41 20.07 -10.67
CA LEU B 174 13.33 21.00 -11.82
C LEU B 174 14.72 21.08 -12.45
N PRO B 175 14.85 21.00 -13.79
CA PRO B 175 16.15 21.18 -14.45
C PRO B 175 16.62 22.63 -14.28
N ILE B 176 17.90 22.87 -14.55
CA ILE B 176 18.51 24.22 -14.45
C ILE B 176 17.61 25.22 -15.15
N SER B 177 17.18 24.92 -16.38
CA SER B 177 16.45 25.92 -17.22
C SER B 177 15.05 26.23 -16.67
N LEU B 178 14.53 25.44 -15.72
CA LEU B 178 13.19 25.72 -15.11
C LEU B 178 13.31 26.13 -13.64
N LEU B 179 14.53 26.27 -13.10
CA LEU B 179 14.73 26.79 -11.73
C LEU B 179 14.22 28.22 -11.70
N PRO B 180 13.72 28.72 -10.56
CA PRO B 180 13.53 30.17 -10.41
C PRO B 180 14.84 30.88 -10.77
N PRO B 181 14.82 31.86 -11.69
CA PRO B 181 16.02 32.61 -12.00
C PRO B 181 16.68 33.25 -10.77
N SER B 182 15.92 33.48 -9.69
CA SER B 182 16.45 34.04 -8.43
C SER B 182 17.52 33.10 -7.82
N VAL B 183 17.53 31.80 -8.14
CA VAL B 183 18.56 30.87 -7.58
C VAL B 183 19.97 31.32 -8.03
N PHE B 184 20.22 31.49 -9.33
CA PHE B 184 21.51 31.96 -9.89
C PHE B 184 21.73 33.45 -9.61
N GLU B 185 20.69 34.27 -9.68
CA GLU B 185 20.80 35.72 -9.34
C GLU B 185 21.37 35.91 -7.93
N GLN B 186 20.94 35.08 -6.98
CA GLN B 186 21.31 35.22 -5.54
C GLN B 186 22.57 34.39 -5.27
N LYS B 187 23.06 33.66 -6.28
CA LYS B 187 24.17 32.69 -6.14
C LYS B 187 23.95 31.76 -4.94
N ALA B 188 22.72 31.26 -4.75
CA ALA B 188 22.41 30.20 -3.78
C ALA B 188 23.26 28.98 -4.14
N LYS B 189 23.75 28.27 -3.14
CA LYS B 189 24.56 27.06 -3.39
C LYS B 189 23.64 25.95 -3.89
N ILE B 190 24.07 25.28 -4.96
CA ILE B 190 23.35 24.16 -5.61
C ILE B 190 24.24 22.92 -5.54
N ILE B 191 23.73 21.81 -5.05
CA ILE B 191 24.38 20.49 -5.25
C ILE B 191 23.57 19.74 -6.30
N TYR B 192 24.20 19.42 -7.43
CA TYR B 192 23.63 18.67 -8.56
C TYR B 192 24.22 17.26 -8.53
N VAL B 193 23.36 16.25 -8.43
CA VAL B 193 23.82 14.84 -8.42
C VAL B 193 23.29 14.16 -9.68
N ALA B 194 24.18 13.54 -10.43
CA ALA B 194 23.89 12.75 -11.64
C ALA B 194 24.04 11.28 -11.29
N ARG B 195 23.14 10.44 -11.78
CA ARG B 195 23.22 8.96 -11.61
C ARG B 195 23.01 8.29 -12.96
N ASN B 196 23.73 7.19 -13.19
CA ASN B 196 23.74 6.44 -14.47
C ASN B 196 22.32 6.03 -14.83
N PRO B 197 21.95 6.06 -16.12
CA PRO B 197 20.56 5.83 -16.53
C PRO B 197 20.01 4.42 -16.24
N SER B 198 20.85 3.39 -16.13
CA SER B 198 20.42 1.99 -15.82
C SER B 198 19.81 1.95 -14.42
N ASP B 199 20.53 2.50 -13.46
CA ASP B 199 20.10 2.48 -12.03
C ASP B 199 18.93 3.46 -11.88
N VAL B 200 18.95 4.60 -12.58
CA VAL B 200 17.83 5.58 -12.51
C VAL B 200 16.55 4.93 -13.08
N ALA B 201 16.62 4.29 -14.24
CA ALA B 201 15.45 3.64 -14.87
C ALA B 201 14.78 2.70 -13.87
N VAL B 202 15.53 1.82 -13.24
CA VAL B 202 14.96 0.76 -12.35
C VAL B 202 14.43 1.43 -11.07
N SER B 203 15.20 2.35 -10.47
CA SER B 203 14.77 3.04 -9.22
C SER B 203 13.54 3.91 -9.49
N TYR B 204 13.53 4.64 -10.61
CA TYR B 204 12.42 5.54 -10.97
C TYR B 204 11.15 4.71 -11.25
N TYR B 205 11.30 3.56 -11.91
CA TYR B 205 10.22 2.56 -12.08
C TYR B 205 9.59 2.22 -10.71
N HIS B 206 10.42 1.88 -9.74
CA HIS B 206 9.96 1.54 -8.36
C HIS B 206 9.32 2.76 -7.71
N LEU B 207 9.91 3.95 -7.87
CA LEU B 207 9.28 5.20 -7.34
C LEU B 207 7.86 5.33 -7.90
N ASN B 208 7.66 5.07 -9.19
CA ASN B 208 6.36 5.28 -9.87
C ASN B 208 5.33 4.27 -9.34
N ARG B 209 5.79 3.11 -8.88
CA ARG B 209 4.91 2.08 -8.28
C ARG B 209 4.66 2.40 -6.81
N LEU B 210 5.63 2.98 -6.10
CA LEU B 210 5.54 3.26 -4.65
C LEU B 210 4.62 4.47 -4.38
N TYR B 211 4.68 5.50 -5.20
CA TYR B 211 3.93 6.75 -4.99
C TYR B 211 2.59 6.69 -5.72
N ARG B 212 1.49 6.71 -4.99
CA ARG B 212 0.15 6.67 -5.61
C ARG B 212 -0.13 7.99 -6.32
N THR B 213 0.59 9.07 -6.00
CA THR B 213 0.57 10.35 -6.77
C THR B 213 1.08 10.13 -8.21
N GLN B 214 1.90 9.11 -8.44
CA GLN B 214 2.30 8.66 -9.80
C GLN B 214 1.28 7.64 -10.29
N GLY B 215 1.03 6.60 -9.49
CA GLY B 215 -0.03 5.59 -9.75
C GLY B 215 0.26 4.74 -10.98
N TYR B 216 1.51 4.42 -11.22
CA TYR B 216 1.94 3.59 -12.38
C TYR B 216 1.65 2.13 -12.05
N VAL B 217 1.01 1.40 -12.97
CA VAL B 217 0.47 0.02 -12.73
C VAL B 217 1.26 -1.04 -13.51
N GLY B 218 2.04 -0.66 -14.52
CA GLY B 218 2.63 -1.59 -15.49
C GLY B 218 3.92 -2.25 -15.05
N ASP B 219 4.62 -2.87 -15.98
CA ASP B 219 5.89 -3.59 -15.70
C ASP B 219 7.07 -2.67 -16.02
N PHE B 220 8.29 -3.15 -15.79
CA PHE B 220 9.51 -2.35 -16.00
C PHE B 220 9.69 -2.02 -17.48
N GLU B 221 9.50 -2.98 -18.38
CA GLU B 221 9.76 -2.72 -19.82
C GLU B 221 8.82 -1.61 -20.33
N THR B 222 7.53 -1.62 -19.96
CA THR B 222 6.61 -0.54 -20.40
C THR B 222 7.09 0.81 -19.82
N PHE B 223 7.59 0.80 -18.59
CA PHE B 223 8.07 2.05 -17.96
C PHE B 223 9.32 2.54 -18.71
N TYR B 224 10.28 1.67 -18.96
CA TYR B 224 11.52 2.01 -19.70
C TYR B 224 11.15 2.63 -21.05
N ASN B 225 10.09 2.16 -21.70
CA ASN B 225 9.65 2.67 -23.03
C ASN B 225 9.24 4.14 -22.89
N TYR B 226 8.51 4.46 -21.83
CA TYR B 226 8.08 5.84 -21.51
C TYR B 226 9.32 6.70 -21.21
N PHE B 227 10.18 6.20 -20.34
CA PHE B 227 11.42 6.87 -19.86
C PHE B 227 12.32 7.20 -21.06
N GLU B 228 12.54 6.23 -21.94
CA GLU B 228 13.42 6.41 -23.11
C GLU B 228 12.81 7.45 -24.07
N LYS B 229 11.49 7.62 -24.07
CA LYS B 229 10.78 8.62 -24.93
C LYS B 229 10.65 9.96 -24.21
N ASP B 230 11.20 10.10 -23.01
CA ASP B 230 11.10 11.36 -22.25
C ASP B 230 9.63 11.67 -21.92
N LEU B 231 8.83 10.63 -21.65
CA LEU B 231 7.40 10.75 -21.27
C LEU B 231 7.23 10.33 -19.80
N THR B 232 8.21 10.74 -18.98
CA THR B 232 8.16 10.61 -17.51
C THR B 232 8.47 11.98 -16.91
N PRO B 233 7.92 12.31 -15.73
CA PRO B 233 8.18 13.62 -15.15
C PRO B 233 9.67 13.97 -15.00
N TRP B 234 9.95 15.24 -15.35
CA TRP B 234 11.26 15.93 -15.28
C TRP B 234 12.19 15.45 -16.40
N SER B 235 11.74 14.56 -17.29
CA SER B 235 12.47 14.22 -18.53
C SER B 235 12.35 15.44 -19.46
N PRO B 236 13.22 15.61 -20.49
CA PRO B 236 14.28 14.67 -20.85
C PRO B 236 15.42 14.49 -19.84
N TYR B 237 15.64 13.23 -19.44
CA TYR B 237 16.74 12.81 -18.56
C TYR B 237 18.07 13.38 -19.07
N TRP B 238 18.41 13.18 -20.34
CA TRP B 238 19.75 13.55 -20.85
C TRP B 238 19.92 15.06 -20.81
N GLU B 239 18.87 15.82 -21.10
CA GLU B 239 18.97 17.31 -21.07
C GLU B 239 19.18 17.75 -19.61
N HIS B 240 18.53 17.06 -18.65
CA HIS B 240 18.70 17.33 -17.20
C HIS B 240 20.18 17.23 -16.82
N ILE B 241 20.81 16.11 -17.16
CA ILE B 241 22.24 15.82 -16.87
C ILE B 241 23.12 16.89 -17.54
N LYS B 242 22.94 17.12 -18.83
CA LYS B 242 23.80 18.08 -19.58
C LYS B 242 23.67 19.50 -19.02
N GLU B 243 22.49 19.93 -18.60
CA GLU B 243 22.30 21.28 -17.99
C GLU B 243 23.08 21.36 -16.68
N GLY B 244 23.00 20.33 -15.83
CA GLY B 244 23.78 20.25 -14.58
C GLY B 244 25.28 20.29 -14.86
N TRP B 245 25.73 19.51 -15.84
CA TRP B 245 27.16 19.48 -16.27
C TRP B 245 27.60 20.87 -16.76
N ALA B 246 26.72 21.59 -17.49
CA ALA B 246 27.00 22.91 -18.09
C ALA B 246 27.06 24.01 -17.03
N GLU B 247 26.72 23.73 -15.77
CA GLU B 247 26.85 24.75 -14.71
C GLU B 247 27.92 24.36 -13.66
N ARG B 248 28.55 23.19 -13.74
CA ARG B 248 29.37 22.66 -12.60
C ARG B 248 30.59 23.55 -12.26
N ASP B 249 31.04 24.37 -13.21
CA ASP B 249 32.20 25.30 -13.06
C ASP B 249 31.80 26.53 -12.23
N ARG B 250 30.53 26.81 -12.06
CA ARG B 250 30.13 28.02 -11.28
C ARG B 250 30.57 27.79 -9.83
N GLU B 251 30.87 28.89 -9.13
CA GLU B 251 31.41 28.83 -7.74
C GLU B 251 30.32 28.30 -6.79
N ASN B 252 29.04 28.47 -7.12
CA ASN B 252 27.88 28.11 -6.28
C ASN B 252 27.25 26.78 -6.76
N VAL B 253 27.93 26.03 -7.64
CA VAL B 253 27.42 24.69 -8.09
C VAL B 253 28.45 23.60 -7.77
N LEU B 254 28.03 22.52 -7.09
CA LEU B 254 28.85 21.32 -6.90
C LEU B 254 28.16 20.18 -7.63
N PHE B 255 28.78 19.66 -8.68
CA PHE B 255 28.25 18.51 -9.45
C PHE B 255 28.95 17.25 -8.95
N MET B 256 28.22 16.20 -8.61
CA MET B 256 28.83 14.89 -8.32
C MET B 256 28.02 13.78 -8.99
N TYR B 257 28.71 12.70 -9.36
CA TYR B 257 28.13 11.41 -9.80
C TYR B 257 27.85 10.54 -8.56
N TYR B 258 26.64 10.00 -8.51
CA TYR B 258 26.10 9.18 -7.40
C TYR B 258 27.09 8.08 -7.02
N GLU B 259 27.59 7.33 -8.00
CA GLU B 259 28.50 6.19 -7.74
C GLU B 259 29.84 6.70 -7.15
N ASP B 260 30.33 7.89 -7.53
CA ASP B 260 31.54 8.48 -6.89
C ASP B 260 31.21 8.80 -5.42
N MET B 261 30.06 9.36 -5.14
CA MET B 261 29.73 9.80 -3.77
C MET B 261 29.71 8.60 -2.84
N LYS B 262 29.08 7.50 -3.30
CA LYS B 262 28.86 6.29 -2.47
C LYS B 262 30.19 5.54 -2.33
N ARG B 263 31.12 5.66 -3.28
CA ARG B 263 32.38 4.88 -3.30
C ARG B 263 33.35 5.39 -2.23
N ASN B 264 33.28 6.65 -1.83
CA ASN B 264 34.28 7.21 -0.90
C ASN B 264 33.57 8.24 -0.01
N LEU B 265 32.92 7.76 1.04
CA LEU B 265 32.14 8.67 1.93
C LEU B 265 33.05 9.74 2.52
N PRO B 266 34.25 9.43 3.06
CA PRO B 266 35.07 10.47 3.68
C PRO B 266 35.36 11.61 2.72
N ASP B 267 35.74 11.31 1.48
CA ASP B 267 36.05 12.35 0.47
C ASP B 267 34.75 13.10 0.13
N THR B 268 33.65 12.38 -0.05
CA THR B 268 32.34 13.01 -0.38
C THR B 268 31.98 14.02 0.70
N ILE B 269 32.05 13.58 1.95
CA ILE B 269 31.61 14.43 3.09
C ILE B 269 32.52 15.68 3.18
N ARG B 270 33.86 15.52 3.07
CA ARG B 270 34.82 16.63 3.23
C ARG B 270 34.62 17.66 2.13
N LYS B 271 34.52 17.16 0.91
CA LYS B 271 34.38 17.98 -0.31
C LYS B 271 33.07 18.75 -0.24
N THR B 272 31.98 18.11 0.17
CA THR B 272 30.65 18.74 0.26
C THR B 272 30.73 19.83 1.34
N ALA B 273 31.28 19.49 2.50
CA ALA B 273 31.47 20.40 3.65
C ALA B 273 32.26 21.64 3.18
N ALA B 274 33.36 21.43 2.48
CA ALA B 274 34.23 22.54 1.96
C ALA B 274 33.42 23.39 0.99
N PHE B 275 32.64 22.79 0.09
CA PHE B 275 31.84 23.56 -0.86
C PHE B 275 30.86 24.44 -0.10
N LEU B 276 30.31 23.92 1.01
CA LEU B 276 29.28 24.64 1.80
C LEU B 276 29.91 25.62 2.80
N GLY B 277 31.24 25.73 2.86
CA GLY B 277 31.91 26.67 3.78
C GLY B 277 31.86 26.17 5.21
N LYS B 278 31.89 24.84 5.40
CA LYS B 278 31.86 24.22 6.74
C LYS B 278 33.14 23.41 6.92
N SER B 279 33.52 23.23 8.17
CA SER B 279 34.84 22.70 8.60
C SER B 279 34.62 21.72 9.76
N PHE B 280 34.98 20.44 9.61
CA PHE B 280 34.76 19.40 10.64
C PHE B 280 36.03 18.59 10.89
N SER B 281 36.20 18.08 12.11
CA SER B 281 37.33 17.20 12.53
C SER B 281 37.20 15.84 11.85
N ASP B 282 38.27 15.05 11.90
CA ASP B 282 38.30 13.63 11.47
C ASP B 282 37.24 12.84 12.22
N ASP B 283 37.14 13.05 13.53
CA ASP B 283 36.18 12.34 14.40
C ASP B 283 34.76 12.64 13.91
N GLN B 284 34.48 13.91 13.63
CA GLN B 284 33.15 14.33 13.13
C GLN B 284 32.88 13.67 11.77
N ILE B 285 33.84 13.70 10.86
CA ILE B 285 33.68 13.11 9.51
C ILE B 285 33.35 11.61 9.69
N ASP B 286 34.02 10.92 10.62
CA ASP B 286 33.80 9.48 10.92
C ASP B 286 32.35 9.24 11.37
N THR B 287 31.80 10.03 12.29
CA THR B 287 30.37 9.86 12.71
C THR B 287 29.47 10.04 11.49
N MET B 288 29.80 10.95 10.57
CA MET B 288 28.96 11.17 9.37
C MET B 288 29.09 9.96 8.43
N CYS B 289 30.27 9.35 8.33
CA CYS B 289 30.47 8.09 7.54
C CYS B 289 29.58 6.97 8.09
N THR B 290 29.51 6.82 9.42
CA THR B 290 28.67 5.80 10.11
C THR B 290 27.19 6.04 9.79
N HIS B 291 26.75 7.28 9.95
CA HIS B 291 25.34 7.70 9.75
C HIS B 291 24.93 7.39 8.31
N LEU B 292 25.84 7.58 7.36
CA LEU B 292 25.48 7.56 5.92
C LEU B 292 25.84 6.20 5.33
N ASP B 293 26.42 5.30 6.10
CA ASP B 293 26.72 3.93 5.64
C ASP B 293 25.39 3.28 5.19
N ILE B 294 25.40 2.49 4.11
CA ILE B 294 24.20 1.82 3.52
C ILE B 294 23.49 0.99 4.62
N ARG B 295 24.25 0.32 5.48
CA ARG B 295 23.73 -0.55 6.57
C ARG B 295 22.90 0.29 7.55
N ASN B 296 23.37 1.46 7.99
CA ASN B 296 22.65 2.29 8.98
C ASN B 296 21.53 3.08 8.29
N PHE B 297 21.81 3.62 7.11
CA PHE B 297 20.89 4.49 6.34
C PHE B 297 19.60 3.72 5.98
N ARG B 298 19.70 2.41 5.76
CA ARG B 298 18.50 1.56 5.50
C ARG B 298 17.50 1.70 6.67
N HIS B 299 17.95 1.97 7.88
CA HIS B 299 17.06 2.10 9.06
C HIS B 299 16.82 3.57 9.40
N ASN B 300 17.24 4.50 8.54
CA ASN B 300 16.97 5.95 8.76
C ASN B 300 15.50 6.25 8.43
N LYS B 301 14.82 7.02 9.28
CA LYS B 301 13.41 7.50 9.08
C LYS B 301 13.22 8.15 7.71
N SER B 302 14.22 8.84 7.15
CA SER B 302 14.08 9.56 5.84
C SER B 302 13.92 8.54 4.71
N VAL B 303 14.26 7.27 4.94
CA VAL B 303 13.95 6.11 4.04
C VAL B 303 12.57 5.58 4.46
N CYS B 305 9.50 8.06 4.77
CA CYS B 305 8.44 9.13 4.71
C CYS B 305 7.21 8.71 5.53
N GLU B 306 7.34 8.53 6.85
CA GLU B 306 6.32 7.88 7.75
C GLU B 306 4.96 8.59 7.65
N GLU B 307 4.95 9.87 7.30
CA GLU B 307 3.71 10.68 7.19
C GLU B 307 2.95 10.15 5.96
N LEU B 308 3.60 10.12 4.80
CA LEU B 308 3.02 9.62 3.52
C LEU B 308 2.60 8.15 3.67
N LYS B 309 3.33 7.34 4.45
CA LYS B 309 3.02 5.89 4.58
C LYS B 309 1.74 5.75 5.42
N ALA B 310 1.62 6.54 6.48
CA ALA B 310 0.55 6.46 7.51
C ALA B 310 -0.82 6.77 6.89
N VAL B 311 -0.89 7.71 5.92
CA VAL B 311 -2.16 8.08 5.21
C VAL B 311 -2.31 7.25 3.93
N GLY B 312 -1.41 6.31 3.66
CA GLY B 312 -1.53 5.35 2.55
C GLY B 312 -1.27 5.97 1.18
N ILE B 313 -0.57 7.10 1.10
CA ILE B 313 -0.17 7.70 -0.22
C ILE B 313 1.02 6.94 -0.80
N LEU B 314 1.90 6.39 0.04
CA LEU B 314 2.88 5.35 -0.38
C LEU B 314 2.11 4.05 -0.47
N ASN B 315 2.38 3.30 -1.51
CA ASN B 315 1.85 1.94 -1.76
C ASN B 315 2.68 0.97 -0.89
N SER B 316 2.07 0.47 0.20
CA SER B 316 2.72 -0.39 1.22
C SER B 316 3.11 -1.73 0.62
N GLY B 317 2.47 -2.14 -0.49
CA GLY B 317 2.83 -3.34 -1.26
C GLY B 317 4.12 -3.19 -2.06
N GLU B 318 4.78 -2.03 -2.07
CA GLU B 318 5.94 -1.74 -2.98
C GLU B 318 7.15 -1.35 -2.13
N GLN B 319 7.19 -1.82 -0.88
CA GLN B 319 8.29 -1.55 0.08
C GLN B 319 9.42 -2.58 -0.10
N GLY B 320 9.18 -3.67 -0.83
CA GLY B 320 10.22 -4.59 -1.35
C GLY B 320 11.49 -3.86 -1.76
N PHE B 321 11.39 -2.92 -2.71
CA PHE B 321 12.56 -2.26 -3.32
C PHE B 321 13.24 -1.31 -2.33
N VAL B 322 12.44 -0.60 -1.55
CA VAL B 322 12.85 0.28 -0.41
C VAL B 322 13.73 -0.55 0.55
N ARG B 323 13.29 -1.74 0.99
CA ARG B 323 14.03 -2.61 1.96
C ARG B 323 15.29 -3.21 1.30
N ASN B 324 15.27 -3.55 0.01
CA ASN B 324 16.27 -4.49 -0.60
C ASN B 324 17.13 -3.85 -1.71
N GLY B 325 16.68 -2.78 -2.37
CA GLY B 325 17.39 -2.22 -3.56
C GLY B 325 17.45 -3.24 -4.71
N GLN B 326 18.42 -3.08 -5.62
CA GLN B 326 18.60 -3.92 -6.84
C GLN B 326 19.94 -4.68 -6.77
N VAL B 327 20.04 -5.82 -7.46
CA VAL B 327 21.34 -6.50 -7.74
C VAL B 327 22.19 -5.53 -8.55
N ARG B 328 23.35 -5.16 -7.99
CA ARG B 328 24.30 -4.14 -8.49
C ARG B 328 24.70 -4.48 -9.93
N GLY B 329 24.37 -3.59 -10.88
CA GLY B 329 24.65 -3.74 -12.32
C GLY B 329 23.93 -4.91 -12.98
N ASN B 330 22.88 -5.46 -12.36
CA ASN B 330 22.05 -6.51 -13.02
C ASN B 330 20.72 -6.65 -12.26
N ALA B 331 19.93 -5.58 -12.22
CA ALA B 331 18.56 -5.55 -11.66
C ALA B 331 17.78 -6.75 -12.23
N GLU B 332 17.00 -7.41 -11.39
CA GLU B 332 16.08 -8.51 -11.77
C GLU B 332 15.15 -8.14 -12.94
N GLU B 333 14.73 -6.87 -13.02
CA GLU B 333 13.78 -6.36 -14.06
C GLU B 333 14.51 -6.17 -15.40
N MET B 334 15.81 -6.02 -15.33
CA MET B 334 16.66 -5.72 -16.50
C MET B 334 16.61 -6.95 -17.43
N THR B 335 16.54 -6.73 -18.74
CA THR B 335 16.68 -7.74 -19.82
C THR B 335 17.87 -7.32 -20.68
N ASP B 336 18.53 -8.26 -21.34
CA ASP B 336 19.62 -7.99 -22.33
C ASP B 336 19.13 -6.95 -23.37
N ASP B 337 17.88 -7.02 -23.82
CA ASP B 337 17.34 -6.06 -24.83
C ASP B 337 17.33 -4.64 -24.23
N ILE B 338 16.79 -4.48 -23.02
CA ILE B 338 16.72 -3.15 -22.37
C ILE B 338 18.15 -2.68 -22.08
N LYS B 339 19.05 -3.55 -21.62
CA LYS B 339 20.46 -3.18 -21.39
C LYS B 339 21.07 -2.60 -22.69
N ARG B 340 20.87 -3.28 -23.81
CA ARG B 340 21.40 -2.83 -25.12
C ARG B 340 20.80 -1.44 -25.45
N ARG B 341 19.48 -1.26 -25.25
CA ARG B 341 18.80 0.03 -25.56
C ARG B 341 19.37 1.14 -24.66
N LEU B 342 19.66 0.84 -23.40
CA LEU B 342 20.26 1.83 -22.45
C LEU B 342 21.65 2.23 -22.96
N ASN B 343 22.45 1.26 -23.40
CA ASN B 343 23.78 1.51 -23.99
C ASN B 343 23.66 2.46 -25.20
N GLU B 344 22.79 2.14 -26.15
CA GLU B 344 22.68 2.93 -27.41
C GLU B 344 22.09 4.32 -27.12
N TRP B 345 21.13 4.41 -26.21
CA TRP B 345 20.52 5.69 -25.80
C TRP B 345 21.59 6.60 -25.19
N THR B 346 22.43 6.01 -24.33
CA THR B 346 23.61 6.67 -23.71
C THR B 346 24.56 7.17 -24.80
N GLU B 347 24.89 6.31 -25.77
CA GLU B 347 25.83 6.64 -26.89
C GLU B 347 25.27 7.81 -27.69
N ARG B 348 24.02 7.70 -28.14
CA ARG B 348 23.37 8.77 -28.96
C ARG B 348 23.47 10.10 -28.21
N ASN B 349 23.24 10.12 -26.90
CA ASN B 349 23.09 11.37 -26.13
C ASN B 349 24.45 11.90 -25.62
N LEU B 350 25.43 11.03 -25.36
CA LEU B 350 26.73 11.47 -24.76
C LEU B 350 27.83 11.61 -25.82
N ASN B 351 27.63 11.07 -27.03
CA ASN B 351 28.55 11.24 -28.19
C ASN B 351 28.93 12.71 -28.33
N GLY B 352 30.23 13.01 -28.43
CA GLY B 352 30.76 14.38 -28.60
C GLY B 352 30.60 15.25 -27.36
N THR B 353 30.45 14.65 -26.17
CA THR B 353 30.49 15.33 -24.85
C THR B 353 31.63 14.69 -24.05
N ASP B 354 32.01 15.29 -22.94
CA ASP B 354 32.98 14.71 -21.98
C ASP B 354 32.23 14.20 -20.75
N ILE B 355 30.95 13.87 -20.88
CA ILE B 355 30.18 13.28 -19.74
C ILE B 355 30.47 11.78 -19.73
N ARG B 356 30.81 11.23 -18.58
CA ARG B 356 31.12 9.77 -18.47
C ARG B 356 30.77 9.35 -17.06
N PHE B 357 29.89 8.36 -16.92
CA PHE B 357 29.49 7.79 -15.60
C PHE B 357 30.67 6.96 -15.10
N PRO B 358 30.92 6.92 -13.78
CA PRO B 358 31.92 6.00 -13.23
C PRO B 358 31.72 4.53 -13.63
N ASP B 359 32.83 3.84 -13.96
CA ASP B 359 33.03 2.36 -14.10
C ASP B 359 33.79 2.06 -15.41
C1 GOL C . -11.73 -32.79 6.93
O1 GOL C . -12.11 -33.76 5.97
C2 GOL C . -12.44 -33.03 8.24
O2 GOL C . -12.13 -31.96 9.13
C3 GOL C . -13.94 -33.13 8.08
O3 GOL C . -14.47 -31.89 7.64
C1 GOL D . 14.71 -3.98 12.87
O1 GOL D . 13.98 -4.13 11.66
C2 GOL D . 13.79 -3.86 14.06
O2 GOL D . 14.48 -4.24 15.25
C3 GOL D . 12.52 -4.69 13.93
O3 GOL D . 12.19 -5.36 15.14
C1 GOL E . -5.34 -12.15 5.82
O1 GOL E . -4.41 -13.07 5.23
C2 GOL E . -6.77 -12.66 5.80
O2 GOL E . -6.93 -13.68 6.78
C3 GOL E . -7.78 -11.56 6.08
O3 GOL E . -9.11 -12.06 6.14
CL CL F . -25.73 -14.54 -2.72
C1 GOL G . 33.77 20.69 -20.85
O1 GOL G . 33.60 19.93 -19.65
C2 GOL G . 32.67 21.73 -20.97
O2 GOL G . 31.42 21.10 -20.74
C3 GOL G . 32.89 22.89 -20.03
O3 GOL G . 31.66 23.55 -19.70
C1 GOL H . 3.36 3.58 -24.82
O1 GOL H . 2.32 4.46 -25.23
C2 GOL H . 4.71 4.14 -25.25
O2 GOL H . 5.77 3.23 -24.95
C3 GOL H . 4.74 4.50 -26.71
O3 GOL H . 4.78 5.90 -26.91
C1 GOL I . 7.95 12.15 -7.33
O1 GOL I . 9.00 12.25 -6.37
C2 GOL I . 6.65 11.74 -6.66
O2 GOL I . 6.84 11.89 -5.25
C3 GOL I . 5.44 12.52 -7.13
O3 GOL I . 4.43 11.68 -7.67
CL CL J . 26.44 6.91 -11.20
#